data_6FWV
#
_entry.id   6FWV
#
_cell.length_a   208.824
_cell.length_b   66.500
_cell.length_c   106.581
_cell.angle_alpha   90.000
_cell.angle_beta   116.810
_cell.angle_gamma   90.000
#
_symmetry.space_group_name_H-M   'C 1 2 1'
#
loop_
_entity.id
_entity.type
_entity.pdbx_description
1 polymer 'Collagen Adhesion protein'
2 non-polymer 'ZINC ION'
3 water water
#
_entity_poly.entity_id   1
_entity_poly.type   'polypeptide(L)'
_entity_poly.pdbx_seq_one_letter_code
;GA(MSE)EV(MSE)NRETYK(MSE)DWSYSNSKQREIKTEIIKTASGSIAYCLTPDLRSPNGEDLPE(MSE)GKTSDAVY
RVLLNGYPQKGPSELGVATTEEAHYATQLAVWIAANELTEEDLVAKNERVHNL(MSE)KRLVEASKKETGSQDVFFKVNP
VDSQTATQNGDYLETGFYAVQTNAVSGSYTILPENAPKGLRIVNENGEEKSTLSINEKFKILLPKDTSSGNFK(MSE)KV
KSTLTNLQAIAFKGSEKVQNTTVLLQRNSEKISTDLVVNWESVGSLKI(MSE)KLGEKKEVLKGAVFEVSNENFKQNVTT
SDKGIAELGNLPIGIYSVKEIQAPAGYVLDRSVKKIEVKTGETAVLELKNENVKGELEITKVDVADGNTKLPNAEFTIYN
EQGKEVVKGKTDEKGVAKFKLPYGKYTYKETIAPNGYVINEETFAFEIKENGEIIKHIVQDKKVEGELEITKVDVADGNT
KLPNAEFTIYNEQGKEVVKGKTNEQGIAKFKLPYGKYTYKETIAPNGYVINEEKFGFEIKENGEIIKHIVKNKK
;
_entity_poly.pdbx_strand_id   A,B
#
loop_
_chem_comp.id
_chem_comp.type
_chem_comp.name
_chem_comp.formula
ZN non-polymer 'ZINC ION' 'Zn 2'
#
# COMPACT_ATOMS: atom_id res chain seq x y z
N GLU A 4 -68.94 1.24 -19.25
CA GLU A 4 -69.57 2.04 -18.16
C GLU A 4 -70.82 2.80 -18.62
N VAL A 5 -71.84 2.85 -17.74
CA VAL A 5 -73.09 3.59 -17.98
C VAL A 5 -72.81 5.08 -17.74
N MSE A 6 -73.37 5.96 -18.57
CA MSE A 6 -73.03 7.40 -18.49
C MSE A 6 -74.27 8.25 -18.26
O MSE A 6 -75.37 7.90 -18.69
CB MSE A 6 -72.16 7.79 -19.71
CG MSE A 6 -70.86 6.95 -19.68
SE MSE A 6 -69.23 7.63 -20.62
CE MSE A 6 -68.18 5.97 -20.58
N ASN A 7 -74.06 9.38 -17.57
CA ASN A 7 -75.12 10.20 -16.92
C ASN A 7 -74.83 11.70 -17.12
N ARG A 8 -75.86 12.52 -17.32
CA ARG A 8 -75.69 13.91 -17.83
C ARG A 8 -76.23 15.03 -16.92
N GLU A 9 -75.75 16.26 -17.15
CA GLU A 9 -76.08 17.42 -16.30
C GLU A 9 -75.78 18.76 -17.03
N THR A 10 -76.82 19.58 -17.23
CA THR A 10 -76.72 20.81 -18.03
C THR A 10 -76.32 22.02 -17.19
N TYR A 11 -75.79 23.06 -17.84
CA TYR A 11 -75.42 24.31 -17.15
C TYR A 11 -75.51 25.54 -18.06
N LYS A 12 -75.60 26.72 -17.44
CA LYS A 12 -75.57 27.98 -18.17
C LYS A 12 -74.13 28.43 -18.44
N MSE A 13 -73.90 29.01 -19.61
CA MSE A 13 -72.55 29.44 -20.02
C MSE A 13 -72.63 30.43 -21.15
O MSE A 13 -73.58 30.43 -21.92
CB MSE A 13 -71.78 28.19 -20.43
CG MSE A 13 -70.37 28.40 -21.00
SE MSE A 13 -69.17 29.36 -19.79
CE MSE A 13 -69.40 28.20 -18.21
N ASP A 14 -71.63 31.31 -21.23
CA ASP A 14 -71.44 32.20 -22.37
C ASP A 14 -70.84 31.41 -23.55
N TRP A 15 -71.67 30.61 -24.22
CA TRP A 15 -71.22 29.70 -25.26
C TRP A 15 -70.48 30.44 -26.38
N SER A 16 -69.45 29.82 -26.94
CA SER A 16 -68.80 30.34 -28.13
C SER A 16 -69.65 30.05 -29.36
N TYR A 17 -69.53 30.90 -30.38
CA TYR A 17 -70.28 30.79 -31.63
C TYR A 17 -69.37 30.30 -32.76
N SER A 18 -69.86 29.33 -33.55
CA SER A 18 -69.16 28.83 -34.74
C SER A 18 -69.72 29.51 -36.00
N ASN A 19 -68.86 30.17 -36.77
CA ASN A 19 -69.31 30.85 -37.99
C ASN A 19 -69.73 29.86 -39.07
N SER A 20 -68.99 28.75 -39.20
CA SER A 20 -69.28 27.75 -40.23
C SER A 20 -70.59 26.99 -39.97
N LYS A 21 -70.78 26.52 -38.74
CA LYS A 21 -71.99 25.80 -38.35
C LYS A 21 -73.19 26.71 -38.08
N GLN A 22 -72.94 28.01 -37.91
CA GLN A 22 -73.99 29.01 -37.65
C GLN A 22 -74.86 28.68 -36.43
N ARG A 23 -74.20 28.36 -35.32
CA ARG A 23 -74.88 28.10 -34.05
C ARG A 23 -73.92 28.20 -32.88
N GLU A 24 -74.47 28.41 -31.68
CA GLU A 24 -73.72 28.32 -30.44
C GLU A 24 -73.20 26.89 -30.26
N ILE A 25 -71.97 26.75 -29.78
CA ILE A 25 -71.37 25.46 -29.46
C ILE A 25 -71.58 25.16 -27.97
N LYS A 26 -72.49 24.22 -27.68
CA LYS A 26 -72.87 23.87 -26.30
C LYS A 26 -72.40 22.47 -25.89
N THR A 27 -72.58 22.16 -24.61
CA THR A 27 -72.29 20.82 -24.07
C THR A 27 -72.98 20.62 -22.71
N GLU A 28 -72.79 19.44 -22.13
CA GLU A 28 -73.25 19.10 -20.78
C GLU A 28 -72.09 18.44 -20.05
N ILE A 29 -72.22 18.30 -18.72
CA ILE A 29 -71.25 17.54 -17.93
C ILE A 29 -71.70 16.08 -17.92
N ILE A 30 -70.88 15.20 -18.48
CA ILE A 30 -71.17 13.78 -18.54
C ILE A 30 -70.39 13.08 -17.42
N LYS A 31 -71.07 12.21 -16.67
CA LYS A 31 -70.48 11.49 -15.55
C LYS A 31 -70.75 9.98 -15.65
N THR A 32 -69.73 9.16 -15.38
CA THR A 32 -69.88 7.70 -15.37
C THR A 32 -70.61 7.24 -14.10
N ALA A 33 -70.94 5.95 -14.04
CA ALA A 33 -71.63 5.38 -12.88
C ALA A 33 -70.81 5.52 -11.59
N SER A 34 -69.49 5.31 -11.68
CA SER A 34 -68.58 5.49 -10.54
C SER A 34 -68.49 6.96 -10.06
N GLY A 35 -68.63 7.91 -10.98
CA GLY A 35 -68.68 9.34 -10.65
C GLY A 35 -67.73 10.22 -11.45
N SER A 36 -66.74 9.62 -12.10
CA SER A 36 -65.74 10.39 -12.87
C SER A 36 -66.33 11.05 -14.13
N ILE A 37 -65.74 12.19 -14.50
CA ILE A 37 -66.21 12.99 -15.63
C ILE A 37 -65.67 12.48 -16.96
N ALA A 38 -66.57 12.27 -17.91
CA ALA A 38 -66.22 11.91 -19.28
C ALA A 38 -66.37 13.14 -20.19
N TYR A 39 -65.55 13.19 -21.23
CA TYR A 39 -65.68 14.21 -22.26
C TYR A 39 -66.13 13.61 -23.59
N CYS A 40 -66.75 14.46 -24.40
CA CYS A 40 -67.32 14.09 -25.70
C CYS A 40 -66.29 14.36 -26.80
N LEU A 41 -66.22 13.45 -27.78
CA LEU A 41 -65.20 13.51 -28.85
C LEU A 41 -65.65 14.21 -30.15
N THR A 42 -66.90 14.67 -30.22
CA THR A 42 -67.38 15.49 -31.33
C THR A 42 -68.53 16.41 -30.86
N PRO A 43 -68.61 17.64 -31.43
CA PRO A 43 -69.76 18.51 -31.14
C PRO A 43 -70.99 18.30 -32.04
N ASP A 44 -70.95 17.30 -32.92
CA ASP A 44 -71.98 17.08 -33.95
C ASP A 44 -73.07 16.08 -33.56
N LEU A 45 -72.76 15.14 -32.68
CA LEU A 45 -73.73 14.12 -32.22
C LEU A 45 -74.00 14.28 -30.72
N ARG A 46 -75.22 13.92 -30.29
CA ARG A 46 -75.63 14.10 -28.88
C ARG A 46 -74.88 13.19 -27.92
N SER A 47 -74.82 13.60 -26.65
CA SER A 47 -74.21 12.81 -25.59
C SER A 47 -75.16 11.67 -25.15
N PRO A 48 -74.60 10.60 -24.55
CA PRO A 48 -75.42 9.47 -24.13
C PRO A 48 -76.22 9.77 -22.88
N ASN A 49 -77.34 9.07 -22.70
CA ASN A 49 -78.11 9.08 -21.45
C ASN A 49 -78.43 7.63 -21.09
N GLY A 50 -77.77 7.10 -20.06
CA GLY A 50 -78.05 5.76 -19.54
C GLY A 50 -77.88 4.62 -20.54
N GLU A 51 -76.77 4.64 -21.27
CA GLU A 51 -76.43 3.60 -22.24
C GLU A 51 -75.06 3.00 -21.92
N ASP A 52 -74.97 1.66 -21.95
CA ASP A 52 -73.71 0.93 -21.77
C ASP A 52 -72.81 1.13 -23.00
N LEU A 53 -71.64 1.77 -22.82
CA LEU A 53 -70.72 2.06 -23.93
C LEU A 53 -69.43 1.21 -23.86
N PRO A 54 -69.13 0.43 -24.93
CA PRO A 54 -67.96 -0.46 -24.94
C PRO A 54 -66.64 0.19 -25.38
N GLU A 55 -65.52 -0.27 -24.81
CA GLU A 55 -64.19 0.27 -25.13
C GLU A 55 -63.78 -0.01 -26.56
N MSE A 56 -63.24 1.01 -27.24
CA MSE A 56 -62.71 0.87 -28.61
C MSE A 56 -61.22 1.09 -28.74
O MSE A 56 -60.66 0.84 -29.82
CB MSE A 56 -63.46 1.79 -29.57
CG MSE A 56 -63.10 3.28 -29.45
SE MSE A 56 -64.48 4.40 -30.33
CE MSE A 56 -64.54 3.52 -32.10
N GLY A 57 -60.56 1.56 -27.69
CA GLY A 57 -59.10 1.78 -27.69
C GLY A 57 -58.77 3.04 -26.94
N LYS A 58 -57.94 3.89 -27.57
CA LYS A 58 -57.49 5.14 -26.96
C LYS A 58 -57.68 6.30 -27.92
N THR A 59 -57.73 7.50 -27.38
CA THR A 59 -57.67 8.72 -28.19
C THR A 59 -56.21 8.98 -28.56
N SER A 60 -55.97 10.03 -29.34
CA SER A 60 -54.62 10.49 -29.64
C SER A 60 -53.91 11.06 -28.40
N ASP A 61 -52.58 11.05 -28.42
CA ASP A 61 -51.76 11.70 -27.37
C ASP A 61 -52.08 13.20 -27.20
N ALA A 62 -52.42 13.89 -28.30
CA ALA A 62 -52.84 15.31 -28.23
C ALA A 62 -54.05 15.49 -27.34
N VAL A 63 -55.10 14.70 -27.56
CA VAL A 63 -56.31 14.77 -26.75
C VAL A 63 -55.99 14.38 -25.30
N TYR A 64 -55.19 13.32 -25.15
CA TYR A 64 -54.70 12.85 -23.85
C TYR A 64 -54.05 13.96 -23.03
N ARG A 65 -53.18 14.73 -23.68
CA ARG A 65 -52.51 15.87 -23.03
C ARG A 65 -53.46 16.97 -22.56
N VAL A 66 -54.55 17.22 -23.28
CA VAL A 66 -55.57 18.16 -22.83
C VAL A 66 -56.20 17.71 -21.49
N LEU A 67 -56.53 16.42 -21.39
CA LEU A 67 -57.13 15.87 -20.17
C LEU A 67 -56.17 15.91 -18.96
N LEU A 68 -54.88 15.63 -19.19
CA LEU A 68 -53.86 15.73 -18.13
C LEU A 68 -53.79 17.13 -17.52
N ASN A 69 -53.87 18.13 -18.40
CA ASN A 69 -53.72 19.54 -18.02
C ASN A 69 -55.00 20.26 -17.62
N GLY A 70 -56.17 19.67 -17.90
CA GLY A 70 -57.46 20.37 -17.74
C GLY A 70 -58.29 19.95 -16.54
N TYR A 71 -59.59 20.25 -16.61
CA TYR A 71 -60.55 19.93 -15.54
C TYR A 71 -61.03 18.48 -15.75
N PRO A 72 -61.21 17.65 -14.71
CA PRO A 72 -61.02 17.98 -13.29
C PRO A 72 -59.68 17.51 -12.63
N GLN A 73 -58.67 17.12 -13.42
CA GLN A 73 -57.33 16.88 -12.87
C GLN A 73 -56.86 18.08 -12.04
N LYS A 74 -57.16 19.28 -12.53
CA LYS A 74 -56.87 20.54 -11.85
C LYS A 74 -58.16 21.31 -11.70
N GLY A 75 -58.28 22.05 -10.59
CA GLY A 75 -59.49 22.81 -10.30
C GLY A 75 -59.49 24.18 -10.97
N PRO A 76 -60.59 24.94 -10.85
CA PRO A 76 -60.70 26.24 -11.50
C PRO A 76 -59.63 27.30 -11.12
N SER A 77 -59.35 27.47 -9.82
CA SER A 77 -58.40 28.48 -9.38
C SER A 77 -56.98 28.22 -9.91
N GLU A 78 -56.58 26.95 -9.90
CA GLU A 78 -55.30 26.53 -10.47
C GLU A 78 -55.24 26.72 -12.00
N LEU A 79 -56.35 26.50 -12.69
CA LEU A 79 -56.42 26.67 -14.16
C LEU A 79 -56.53 28.12 -14.62
N GLY A 80 -56.98 29.02 -13.75
CA GLY A 80 -57.12 30.45 -14.09
C GLY A 80 -58.51 30.92 -14.45
N VAL A 81 -59.55 30.18 -14.08
CA VAL A 81 -60.97 30.58 -14.33
C VAL A 81 -61.77 30.59 -13.02
N ALA A 82 -62.97 31.18 -13.09
CA ALA A 82 -63.76 31.47 -11.88
C ALA A 82 -64.58 30.30 -11.34
N THR A 83 -65.14 29.49 -12.23
CA THR A 83 -66.10 28.44 -11.83
C THR A 83 -65.78 27.10 -12.46
N THR A 84 -66.35 26.04 -11.89
CA THR A 84 -66.19 24.69 -12.44
C THR A 84 -66.83 24.57 -13.83
N GLU A 85 -67.90 25.33 -14.08
CA GLU A 85 -68.52 25.35 -15.40
C GLU A 85 -67.58 25.94 -16.46
N GLU A 86 -66.91 27.05 -16.14
CA GLU A 86 -65.91 27.64 -17.04
C GLU A 86 -64.72 26.70 -17.29
N ALA A 87 -64.24 26.05 -16.23
CA ALA A 87 -63.16 25.08 -16.35
C ALA A 87 -63.56 23.92 -17.23
N HIS A 88 -64.75 23.38 -17.02
CA HIS A 88 -65.25 22.28 -17.84
C HIS A 88 -65.39 22.66 -19.32
N TYR A 89 -66.00 23.82 -19.59
CA TYR A 89 -66.33 24.21 -20.97
C TYR A 89 -65.08 24.43 -21.82
N ALA A 90 -64.10 25.14 -21.25
CA ALA A 90 -62.82 25.36 -21.93
C ALA A 90 -62.07 24.04 -22.20
N THR A 91 -62.18 23.09 -21.28
CA THR A 91 -61.57 21.77 -21.46
C THR A 91 -62.21 21.03 -22.63
N GLN A 92 -63.56 20.99 -22.66
CA GLN A 92 -64.28 20.35 -23.76
C GLN A 92 -63.94 20.96 -25.13
N LEU A 93 -63.85 22.30 -25.20
CA LEU A 93 -63.49 22.98 -26.44
C LEU A 93 -62.08 22.60 -26.92
N ALA A 94 -61.13 22.57 -25.99
CA ALA A 94 -59.75 22.16 -26.28
C ALA A 94 -59.65 20.69 -26.70
N VAL A 95 -60.48 19.83 -26.11
CA VAL A 95 -60.57 18.44 -26.54
C VAL A 95 -60.99 18.38 -28.02
N TRP A 96 -62.04 19.13 -28.37
CA TRP A 96 -62.53 19.17 -29.76
C TRP A 96 -61.53 19.76 -30.74
N ILE A 97 -60.78 20.77 -30.30
CA ILE A 97 -59.73 21.35 -31.16
C ILE A 97 -58.58 20.37 -31.38
N ALA A 98 -58.11 19.73 -30.31
CA ALA A 98 -57.03 18.73 -30.42
C ALA A 98 -57.44 17.52 -31.26
N ALA A 99 -58.73 17.18 -31.23
CA ALA A 99 -59.28 16.09 -32.06
C ALA A 99 -59.60 16.48 -33.52
N ASN A 100 -59.33 17.72 -33.92
CA ASN A 100 -59.64 18.24 -35.27
C ASN A 100 -61.14 18.28 -35.63
N GLU A 101 -62.00 18.43 -34.63
CA GLU A 101 -63.44 18.64 -34.86
C GLU A 101 -63.83 20.11 -34.96
N LEU A 102 -62.99 21.01 -34.42
CA LEU A 102 -63.16 22.46 -34.56
C LEU A 102 -61.80 23.12 -34.76
N THR A 103 -61.80 24.30 -35.36
CA THR A 103 -60.60 25.13 -35.46
C THR A 103 -60.82 26.44 -34.72
N GLU A 104 -59.74 27.00 -34.18
CA GLU A 104 -59.80 28.18 -33.30
C GLU A 104 -60.39 29.41 -34.01
N GLU A 105 -59.95 29.63 -35.25
CA GLU A 105 -60.42 30.79 -36.03
C GLU A 105 -61.91 30.75 -36.40
N ASP A 106 -62.51 29.55 -36.40
CA ASP A 106 -63.96 29.40 -36.64
C ASP A 106 -64.80 29.87 -35.44
N LEU A 107 -64.23 29.84 -34.23
CA LEU A 107 -64.99 30.14 -33.00
C LEU A 107 -64.92 31.60 -32.59
N VAL A 108 -65.97 32.09 -31.95
CA VAL A 108 -66.04 33.47 -31.46
C VAL A 108 -66.36 33.41 -29.97
N ALA A 109 -65.37 33.68 -29.13
CA ALA A 109 -65.53 33.59 -27.69
C ALA A 109 -66.46 34.68 -27.14
N LYS A 110 -67.09 34.37 -26.00
CA LYS A 110 -67.95 35.29 -25.26
C LYS A 110 -67.56 35.36 -23.77
N ASN A 111 -66.34 34.96 -23.45
CA ASN A 111 -65.83 34.92 -22.07
C ASN A 111 -64.32 34.75 -22.11
N GLU A 112 -63.59 35.77 -21.67
CA GLU A 112 -62.13 35.79 -21.84
C GLU A 112 -61.39 34.83 -20.92
N ARG A 113 -61.95 34.58 -19.73
CA ARG A 113 -61.40 33.56 -18.85
C ARG A 113 -61.45 32.19 -19.55
N VAL A 114 -62.61 31.87 -20.15
CA VAL A 114 -62.76 30.64 -20.96
C VAL A 114 -61.81 30.63 -22.17
N HIS A 115 -61.71 31.76 -22.86
CA HIS A 115 -60.80 31.89 -24.02
C HIS A 115 -59.33 31.75 -23.61
N ASN A 116 -58.93 32.33 -22.47
CA ASN A 116 -57.55 32.21 -21.97
C ASN A 116 -57.18 30.74 -21.67
N LEU A 117 -58.03 30.04 -20.91
CA LEU A 117 -57.77 28.64 -20.56
C LEU A 117 -57.72 27.73 -21.78
N MSE A 118 -58.64 27.93 -22.74
CA MSE A 118 -58.65 27.15 -24.00
C MSE A 118 -57.33 27.26 -24.76
O MSE A 118 -56.82 26.25 -25.28
CB MSE A 118 -59.81 27.62 -24.89
CG MSE A 118 -60.17 26.63 -26.00
SE MSE A 118 -61.01 27.59 -27.51
CE MSE A 118 -59.35 28.29 -28.31
N LYS A 119 -56.78 28.46 -24.83
CA LYS A 119 -55.48 28.68 -25.46
C LYS A 119 -54.36 27.92 -24.75
N ARG A 120 -54.36 27.98 -23.42
CA ARG A 120 -53.36 27.30 -22.58
C ARG A 120 -53.39 25.78 -22.78
N LEU A 121 -54.58 25.20 -22.76
CA LEU A 121 -54.73 23.73 -22.90
C LEU A 121 -54.39 23.24 -24.31
N VAL A 122 -54.70 24.04 -25.33
CA VAL A 122 -54.36 23.71 -26.73
C VAL A 122 -52.85 23.82 -26.98
N GLU A 123 -52.21 24.86 -26.45
CA GLU A 123 -50.75 25.01 -26.51
C GLU A 123 -50.04 23.82 -25.84
N ALA A 124 -50.53 23.38 -24.69
CA ALA A 124 -49.99 22.20 -23.99
C ALA A 124 -50.15 20.88 -24.78
N SER A 125 -51.24 20.72 -25.53
CA SER A 125 -51.41 19.54 -26.38
C SER A 125 -50.40 19.50 -27.53
N LYS A 126 -49.98 20.67 -28.02
CA LYS A 126 -48.99 20.77 -29.10
C LYS A 126 -47.53 20.69 -28.63
N LYS A 127 -47.23 21.18 -27.42
CA LYS A 127 -45.84 21.43 -26.98
C LYS A 127 -45.26 20.37 -26.05
N GLU A 128 -46.04 19.97 -25.05
CA GLU A 128 -45.62 18.92 -24.12
C GLU A 128 -45.54 17.58 -24.83
N THR A 129 -44.95 16.59 -24.16
CA THR A 129 -44.61 15.32 -24.80
C THR A 129 -45.16 14.05 -24.12
N GLY A 130 -45.99 14.20 -23.08
CA GLY A 130 -46.59 13.07 -22.39
C GLY A 130 -47.32 12.13 -23.33
N SER A 131 -47.13 10.81 -23.14
CA SER A 131 -47.64 9.80 -24.05
C SER A 131 -48.30 8.62 -23.32
N GLN A 132 -49.25 8.00 -24.01
CA GLN A 132 -49.97 6.83 -23.51
C GLN A 132 -49.18 5.52 -23.71
N ASP A 133 -48.18 5.53 -24.60
CA ASP A 133 -47.24 4.40 -24.75
C ASP A 133 -46.48 4.21 -23.44
N VAL A 134 -46.50 3.00 -22.90
CA VAL A 134 -45.88 2.72 -21.60
C VAL A 134 -44.37 2.59 -21.80
N PHE A 135 -43.60 3.41 -21.09
CA PHE A 135 -42.13 3.44 -21.19
C PHE A 135 -41.54 2.72 -19.98
N PHE A 136 -40.58 1.84 -20.22
CA PHE A 136 -39.92 1.10 -19.14
C PHE A 136 -38.49 0.70 -19.51
N LYS A 137 -37.53 1.11 -18.69
CA LYS A 137 -36.10 0.87 -18.93
C LYS A 137 -35.30 0.82 -17.63
N VAL A 138 -34.36 -0.11 -17.52
CA VAL A 138 -33.46 -0.19 -16.34
C VAL A 138 -32.08 0.38 -16.72
N ASN A 139 -31.63 1.39 -15.98
CA ASN A 139 -30.31 1.96 -16.17
C ASN A 139 -29.43 1.56 -14.97
N PRO A 140 -28.19 1.11 -15.17
CA PRO A 140 -27.53 1.02 -16.47
C PRO A 140 -27.85 -0.27 -17.23
N VAL A 141 -27.58 -0.23 -18.54
CA VAL A 141 -27.97 -1.28 -19.48
C VAL A 141 -26.85 -2.31 -19.67
N ASP A 142 -25.59 -1.87 -19.66
CA ASP A 142 -24.43 -2.74 -19.81
C ASP A 142 -24.18 -3.63 -18.59
N SER A 143 -23.47 -4.74 -18.81
CA SER A 143 -23.09 -5.62 -17.71
C SER A 143 -22.17 -4.90 -16.73
N GLN A 144 -22.39 -5.13 -15.45
CA GLN A 144 -21.70 -4.40 -14.38
C GLN A 144 -20.74 -5.30 -13.60
N THR A 145 -19.67 -4.68 -13.09
CA THR A 145 -18.67 -5.37 -12.28
C THR A 145 -18.73 -4.90 -10.83
N ALA A 146 -18.79 -5.84 -9.90
CA ALA A 146 -18.85 -5.53 -8.46
C ALA A 146 -17.44 -5.43 -7.88
N THR A 147 -17.20 -4.36 -7.10
CA THR A 147 -15.89 -4.09 -6.47
C THR A 147 -16.03 -4.05 -4.94
N GLN A 148 -14.92 -4.31 -4.26
CA GLN A 148 -14.92 -4.43 -2.80
C GLN A 148 -15.22 -3.11 -2.08
N ASN A 149 -15.96 -3.22 -0.99
CA ASN A 149 -16.28 -2.09 -0.11
C ASN A 149 -16.49 -2.64 1.30
N GLY A 150 -15.38 -2.91 1.98
CA GLY A 150 -15.41 -3.51 3.31
C GLY A 150 -15.76 -4.99 3.24
N ASP A 151 -16.89 -5.34 3.86
CA ASP A 151 -17.29 -6.75 3.96
C ASP A 151 -17.90 -7.32 2.68
N TYR A 152 -18.35 -6.46 1.76
CA TYR A 152 -19.08 -6.88 0.57
C TYR A 152 -18.40 -6.42 -0.73
N LEU A 153 -18.58 -7.23 -1.78
CA LEU A 153 -18.46 -6.75 -3.16
C LEU A 153 -19.78 -6.11 -3.56
N GLU A 154 -19.73 -4.91 -4.14
CA GLU A 154 -20.95 -4.21 -4.52
C GLU A 154 -20.90 -3.49 -5.86
N THR A 155 -22.06 -3.46 -6.54
CA THR A 155 -22.26 -2.67 -7.76
C THR A 155 -22.62 -1.24 -7.39
N GLY A 156 -22.81 -0.40 -8.40
CA GLY A 156 -23.44 0.90 -8.23
C GLY A 156 -24.95 0.75 -8.13
N PHE A 157 -25.68 1.86 -8.09
CA PHE A 157 -27.14 1.84 -8.03
C PHE A 157 -27.76 1.71 -9.43
N TYR A 158 -28.78 0.86 -9.53
CA TYR A 158 -29.62 0.74 -10.72
C TYR A 158 -30.88 1.58 -10.52
N ALA A 159 -31.53 1.98 -11.60
CA ALA A 159 -32.77 2.80 -11.53
C ALA A 159 -33.79 2.46 -12.62
N VAL A 160 -35.07 2.48 -12.27
CA VAL A 160 -36.18 2.24 -13.21
C VAL A 160 -36.71 3.56 -13.78
N GLN A 161 -36.47 3.77 -15.08
CA GLN A 161 -36.95 4.94 -15.82
C GLN A 161 -38.31 4.62 -16.48
N THR A 162 -39.35 5.36 -16.10
CA THR A 162 -40.71 5.12 -16.62
C THR A 162 -41.61 6.36 -16.63
N ASN A 163 -42.62 6.38 -17.51
CA ASN A 163 -43.63 7.45 -17.57
C ASN A 163 -44.87 7.13 -16.73
N ALA A 164 -44.82 6.04 -15.97
CA ALA A 164 -45.92 5.66 -15.09
C ALA A 164 -46.06 6.62 -13.91
N VAL A 165 -47.27 6.75 -13.39
CA VAL A 165 -47.56 7.59 -12.21
C VAL A 165 -47.22 6.91 -10.88
N SER A 166 -47.32 5.59 -10.86
CA SER A 166 -46.89 4.79 -9.71
C SER A 166 -46.66 3.35 -10.16
N GLY A 167 -46.02 2.57 -9.30
CA GLY A 167 -45.71 1.19 -9.62
C GLY A 167 -44.72 0.58 -8.67
N SER A 168 -44.51 -0.72 -8.81
CA SER A 168 -43.47 -1.44 -8.08
C SER A 168 -42.80 -2.46 -8.97
N TYR A 169 -41.63 -2.92 -8.54
CA TYR A 169 -40.84 -3.90 -9.29
C TYR A 169 -40.09 -4.87 -8.38
N THR A 170 -39.77 -6.03 -8.91
CA THR A 170 -39.11 -7.09 -8.15
C THR A 170 -37.91 -7.62 -8.93
N ILE A 171 -36.83 -7.92 -8.19
CA ILE A 171 -35.58 -8.38 -8.76
C ILE A 171 -35.56 -9.90 -8.68
N LEU A 172 -35.30 -10.52 -9.83
CA LEU A 172 -35.34 -11.97 -9.97
C LEU A 172 -33.99 -12.48 -10.47
N PRO A 173 -33.06 -12.78 -9.54
CA PRO A 173 -31.73 -13.29 -9.91
C PRO A 173 -31.73 -14.78 -10.23
N GLU A 174 -31.01 -15.17 -11.29
CA GLU A 174 -30.88 -16.57 -11.74
C GLU A 174 -29.54 -17.18 -11.30
N ASN A 175 -29.60 -18.18 -10.44
CA ASN A 175 -28.43 -18.96 -9.98
C ASN A 175 -27.34 -18.05 -9.41
N ALA A 176 -27.75 -17.19 -8.48
CA ALA A 176 -26.84 -16.19 -7.89
C ALA A 176 -26.12 -16.79 -6.70
N PRO A 177 -24.96 -16.20 -6.31
CA PRO A 177 -24.22 -16.74 -5.17
C PRO A 177 -24.92 -16.62 -3.81
N LYS A 178 -24.45 -17.41 -2.86
CA LYS A 178 -25.04 -17.49 -1.52
C LYS A 178 -24.69 -16.23 -0.74
N GLY A 179 -25.69 -15.68 -0.04
CA GLY A 179 -25.52 -14.46 0.76
C GLY A 179 -25.75 -13.14 0.01
N LEU A 180 -26.31 -13.22 -1.20
CA LEU A 180 -26.72 -12.04 -1.96
C LEU A 180 -27.67 -11.18 -1.15
N ARG A 181 -27.45 -9.87 -1.16
CA ARG A 181 -28.38 -8.90 -0.59
C ARG A 181 -28.66 -7.79 -1.57
N ILE A 182 -29.88 -7.26 -1.53
CA ILE A 182 -30.29 -6.16 -2.40
C ILE A 182 -30.75 -5.03 -1.50
N VAL A 183 -30.18 -3.85 -1.70
CA VAL A 183 -30.49 -2.67 -0.86
C VAL A 183 -30.86 -1.46 -1.69
N ASN A 184 -31.59 -0.52 -1.06
CA ASN A 184 -31.88 0.79 -1.68
C ASN A 184 -30.88 1.84 -1.17
N GLU A 185 -31.11 3.11 -1.50
CA GLU A 185 -30.18 4.18 -1.10
C GLU A 185 -30.11 4.44 0.39
N ASN A 186 -31.14 4.08 1.16
CA ASN A 186 -31.11 4.19 2.63
C ASN A 186 -30.51 2.95 3.32
N GLY A 187 -30.02 2.00 2.55
CA GLY A 187 -29.47 0.76 3.10
C GLY A 187 -30.50 -0.26 3.57
N GLU A 188 -31.75 -0.10 3.15
CA GLU A 188 -32.84 -1.00 3.57
C GLU A 188 -32.86 -2.23 2.64
N GLU A 189 -32.81 -3.44 3.23
CA GLU A 189 -32.85 -4.69 2.45
C GLU A 189 -34.25 -4.98 1.87
N LYS A 190 -34.32 -5.06 0.55
CA LYS A 190 -35.59 -5.25 -0.17
C LYS A 190 -35.35 -5.96 -1.49
N SER A 191 -36.24 -6.88 -1.85
CA SER A 191 -36.30 -7.45 -3.19
C SER A 191 -37.44 -6.86 -4.03
N THR A 192 -38.52 -6.40 -3.38
CA THR A 192 -39.59 -5.65 -4.05
C THR A 192 -39.59 -4.18 -3.62
N LEU A 193 -39.49 -3.27 -4.60
CA LEU A 193 -39.32 -1.83 -4.37
C LEU A 193 -40.34 -0.99 -5.15
N SER A 194 -40.53 0.24 -4.71
CA SER A 194 -41.31 1.24 -5.44
C SER A 194 -40.49 1.79 -6.61
N ILE A 195 -41.16 2.18 -7.70
CA ILE A 195 -40.44 2.68 -8.91
C ILE A 195 -39.56 3.90 -8.68
N ASN A 196 -39.84 4.69 -7.64
CA ASN A 196 -38.99 5.83 -7.29
C ASN A 196 -37.75 5.48 -6.46
N GLU A 197 -37.57 4.20 -6.10
CA GLU A 197 -36.38 3.74 -5.37
C GLU A 197 -35.34 3.16 -6.33
N LYS A 198 -34.08 3.24 -5.93
CA LYS A 198 -32.96 2.62 -6.64
C LYS A 198 -32.48 1.41 -5.85
N PHE A 199 -31.78 0.50 -6.53
CA PHE A 199 -31.25 -0.70 -5.87
C PHE A 199 -29.79 -1.02 -6.22
N LYS A 200 -29.14 -1.72 -5.31
CA LYS A 200 -27.72 -2.07 -5.41
C LYS A 200 -27.54 -3.53 -4.98
N ILE A 201 -26.59 -4.22 -5.60
CA ILE A 201 -26.30 -5.63 -5.31
C ILE A 201 -25.09 -5.74 -4.38
N LEU A 202 -25.22 -6.52 -3.31
CA LEU A 202 -24.12 -6.88 -2.42
C LEU A 202 -23.84 -8.38 -2.47
N LEU A 203 -22.56 -8.76 -2.50
CA LEU A 203 -22.14 -10.16 -2.36
C LEU A 203 -21.04 -10.24 -1.30
N PRO A 204 -21.01 -11.32 -0.47
CA PRO A 204 -19.89 -11.45 0.48
C PRO A 204 -18.55 -11.46 -0.27
N LYS A 205 -17.56 -10.70 0.23
CA LYS A 205 -16.26 -10.59 -0.44
C LYS A 205 -15.61 -11.95 -0.68
N ASP A 206 -15.79 -12.89 0.23
CA ASP A 206 -15.27 -14.25 0.08
C ASP A 206 -16.18 -15.11 -0.81
N THR A 207 -16.30 -14.70 -2.08
CA THR A 207 -17.03 -15.45 -3.11
C THR A 207 -16.08 -15.59 -4.28
N SER A 208 -15.91 -16.82 -4.77
CA SER A 208 -15.02 -17.05 -5.91
C SER A 208 -15.50 -16.30 -7.16
N SER A 209 -14.56 -15.97 -8.05
CA SER A 209 -14.86 -15.21 -9.26
C SER A 209 -15.99 -15.84 -10.06
N GLY A 210 -16.89 -15.01 -10.59
CA GLY A 210 -18.01 -15.54 -11.36
C GLY A 210 -18.94 -14.49 -11.93
N ASN A 211 -20.15 -14.91 -12.25
CA ASN A 211 -21.18 -14.02 -12.80
C ASN A 211 -22.56 -14.63 -12.71
N PHE A 212 -23.58 -13.79 -12.76
CA PHE A 212 -24.97 -14.24 -12.87
C PHE A 212 -25.83 -13.22 -13.61
N LYS A 213 -26.98 -13.69 -14.07
CA LYS A 213 -27.99 -12.86 -14.74
C LYS A 213 -29.16 -12.61 -13.81
N MSE A 214 -29.79 -11.45 -13.95
CA MSE A 214 -31.04 -11.13 -13.24
C MSE A 214 -32.00 -10.40 -14.16
O MSE A 214 -31.62 -9.82 -15.18
CB MSE A 214 -30.71 -10.32 -11.98
CG MSE A 214 -30.12 -8.94 -12.25
SE MSE A 214 -29.60 -8.09 -10.54
CE MSE A 214 -28.73 -6.53 -11.41
N LYS A 215 -33.27 -10.43 -13.77
CA LYS A 215 -34.35 -9.73 -14.47
C LYS A 215 -35.11 -8.84 -13.50
N VAL A 216 -35.57 -7.68 -13.99
CA VAL A 216 -36.46 -6.80 -13.24
C VAL A 216 -37.89 -6.91 -13.79
N LYS A 217 -38.80 -7.40 -12.94
CA LYS A 217 -40.22 -7.55 -13.27
C LYS A 217 -41.00 -6.45 -12.57
N SER A 218 -41.86 -5.72 -13.29
CA SER A 218 -42.60 -4.61 -12.71
C SER A 218 -44.09 -4.60 -13.05
N THR A 219 -44.87 -3.96 -12.18
CA THR A 219 -46.29 -3.70 -12.40
C THR A 219 -46.47 -2.18 -12.35
N LEU A 220 -46.82 -1.59 -13.49
CA LEU A 220 -46.88 -0.13 -13.64
C LEU A 220 -48.31 0.39 -13.83
N THR A 221 -48.57 1.57 -13.28
CA THR A 221 -49.86 2.24 -13.43
C THR A 221 -49.62 3.52 -14.25
N ASN A 222 -50.19 3.56 -15.47
CA ASN A 222 -50.16 4.76 -16.34
C ASN A 222 -51.56 5.36 -16.47
N LEU A 223 -51.62 6.70 -16.56
CA LEU A 223 -52.85 7.38 -16.96
C LEU A 223 -53.02 7.18 -18.47
N GLN A 224 -54.26 6.93 -18.88
CA GLN A 224 -54.61 6.72 -20.28
C GLN A 224 -56.01 7.27 -20.60
N ALA A 225 -56.14 7.88 -21.78
CA ALA A 225 -57.42 8.42 -22.24
C ALA A 225 -58.15 7.36 -23.07
N ILE A 226 -58.96 6.56 -22.37
CA ILE A 226 -59.65 5.42 -22.97
C ILE A 226 -60.87 5.94 -23.74
N ALA A 227 -61.09 5.40 -24.94
CA ALA A 227 -62.21 5.78 -25.81
C ALA A 227 -63.34 4.77 -25.74
N PHE A 228 -64.58 5.26 -25.80
CA PHE A 228 -65.78 4.41 -25.75
C PHE A 228 -66.68 4.67 -26.97
N LYS A 229 -67.20 3.58 -27.54
CA LYS A 229 -67.84 3.58 -28.86
C LYS A 229 -69.34 3.84 -28.81
N GLY A 230 -69.74 5.03 -29.24
CA GLY A 230 -71.17 5.34 -29.42
C GLY A 230 -71.87 4.49 -30.47
N SER A 231 -73.18 4.59 -30.47
CA SER A 231 -74.04 3.88 -31.40
C SER A 231 -73.94 4.48 -32.80
N GLU A 232 -73.28 5.63 -32.89
CA GLU A 232 -73.05 6.44 -34.10
C GLU A 232 -74.18 7.37 -34.50
N LYS A 233 -75.15 7.38 -33.62
CA LYS A 233 -76.22 8.35 -33.55
C LYS A 233 -75.90 9.17 -32.25
N VAL A 234 -75.15 8.55 -31.33
CA VAL A 234 -74.67 9.06 -30.08
C VAL A 234 -73.17 9.13 -30.24
N GLN A 235 -72.59 10.16 -29.66
CA GLN A 235 -71.16 10.45 -29.71
C GLN A 235 -70.28 9.36 -29.09
N ASN A 236 -69.03 9.29 -29.53
CA ASN A 236 -67.99 8.58 -28.79
C ASN A 236 -67.53 9.47 -27.63
N THR A 237 -67.08 8.85 -26.55
CA THR A 237 -66.61 9.58 -25.36
C THR A 237 -65.21 9.14 -24.93
N THR A 238 -64.61 9.92 -24.03
CA THR A 238 -63.31 9.60 -23.44
C THR A 238 -63.34 9.75 -21.93
N VAL A 239 -62.62 8.87 -21.23
CA VAL A 239 -62.39 9.01 -19.79
C VAL A 239 -60.90 8.80 -19.49
N LEU A 240 -60.32 9.72 -18.73
CA LEU A 240 -58.95 9.58 -18.22
C LEU A 240 -58.96 8.60 -17.07
N LEU A 241 -58.21 7.51 -17.20
CA LEU A 241 -58.21 6.41 -16.22
C LEU A 241 -56.81 5.89 -15.93
N GLN A 242 -56.63 5.30 -14.76
CA GLN A 242 -55.42 4.55 -14.40
C GLN A 242 -55.55 3.12 -14.93
N ARG A 243 -54.52 2.63 -15.62
CA ARG A 243 -54.52 1.26 -16.19
C ARG A 243 -53.19 0.55 -15.92
N ASN A 244 -53.27 -0.65 -15.33
CA ASN A 244 -52.07 -1.43 -14.98
C ASN A 244 -51.56 -2.27 -16.14
N SER A 245 -50.29 -2.65 -16.04
CA SER A 245 -49.51 -3.14 -17.16
C SER A 245 -48.27 -3.88 -16.65
N GLU A 246 -48.03 -5.10 -17.11
CA GLU A 246 -46.88 -5.92 -16.66
C GLU A 246 -45.69 -5.79 -17.63
N LYS A 247 -44.49 -5.54 -17.09
CA LYS A 247 -43.28 -5.39 -17.90
C LYS A 247 -42.11 -6.14 -17.28
N ILE A 248 -41.21 -6.64 -18.13
CA ILE A 248 -40.01 -7.37 -17.71
C ILE A 248 -38.79 -6.94 -18.53
N SER A 249 -37.64 -6.75 -17.87
CA SER A 249 -36.40 -6.37 -18.56
C SER A 249 -35.78 -7.55 -19.30
N THR A 250 -34.80 -7.27 -20.16
CA THR A 250 -33.89 -8.30 -20.65
C THR A 250 -32.87 -8.60 -19.54
N ASP A 251 -32.12 -9.68 -19.72
CA ASP A 251 -31.16 -10.14 -18.72
C ASP A 251 -30.08 -9.09 -18.43
N LEU A 252 -29.93 -8.73 -17.16
CA LEU A 252 -28.85 -7.86 -16.68
C LEU A 252 -27.76 -8.74 -16.09
N VAL A 253 -26.51 -8.51 -16.50
CA VAL A 253 -25.38 -9.33 -16.07
C VAL A 253 -24.57 -8.61 -14.99
N VAL A 254 -24.21 -9.36 -13.94
CA VAL A 254 -23.29 -8.90 -12.89
C VAL A 254 -22.11 -9.88 -12.85
N ASN A 255 -20.88 -9.35 -12.79
CA ASN A 255 -19.67 -10.18 -12.70
C ASN A 255 -18.64 -9.60 -11.74
N TRP A 256 -17.70 -10.44 -11.31
CA TRP A 256 -16.67 -10.04 -10.33
C TRP A 256 -15.46 -10.96 -10.35
N GLU A 257 -14.37 -10.45 -9.79
CA GLU A 257 -13.06 -11.12 -9.77
C GLU A 257 -12.52 -11.09 -8.33
N SER A 258 -12.24 -12.25 -7.76
CA SER A 258 -11.81 -12.37 -6.36
C SER A 258 -10.42 -12.98 -6.24
N VAL A 259 -9.44 -12.14 -5.91
CA VAL A 259 -8.04 -12.57 -5.73
C VAL A 259 -7.34 -11.98 -4.51
N GLY A 260 -6.26 -12.63 -4.10
CA GLY A 260 -5.40 -12.16 -3.00
C GLY A 260 -3.94 -12.49 -3.25
N SER A 261 -3.15 -12.51 -2.17
CA SER A 261 -1.71 -12.79 -2.24
C SER A 261 -1.21 -13.70 -1.11
N LEU A 262 0.00 -14.22 -1.31
CA LEU A 262 0.70 -15.02 -0.30
C LEU A 262 2.15 -14.57 -0.18
N LYS A 263 2.57 -14.28 1.05
CA LYS A 263 3.95 -13.86 1.36
C LYS A 263 4.61 -14.88 2.30
N ILE A 264 5.62 -15.59 1.81
CA ILE A 264 6.37 -16.57 2.61
C ILE A 264 7.63 -15.90 3.16
N MSE A 265 7.76 -15.84 4.49
CA MSE A 265 8.95 -15.29 5.17
C MSE A 265 9.77 -16.43 5.75
O MSE A 265 9.27 -17.22 6.54
CB MSE A 265 8.51 -14.31 6.25
CG MSE A 265 9.62 -13.77 7.16
SE MSE A 265 11.09 -12.93 6.16
CE MSE A 265 10.36 -11.10 6.21
N LYS A 266 11.06 -16.50 5.36
CA LYS A 266 11.96 -17.59 5.77
C LYS A 266 13.00 -17.16 6.81
N LEU A 267 13.09 -17.93 7.90
CA LEU A 267 13.99 -17.63 9.02
C LEU A 267 14.86 -18.83 9.41
N GLY A 268 15.99 -18.54 10.06
CA GLY A 268 16.89 -19.56 10.61
C GLY A 268 16.54 -19.87 12.06
N GLU A 269 17.50 -20.46 12.79
CA GLU A 269 17.28 -20.81 14.20
C GLU A 269 17.23 -19.57 15.10
N LYS A 270 18.05 -18.58 14.75
CA LYS A 270 17.91 -17.21 15.26
C LYS A 270 17.29 -16.38 14.15
N LYS A 271 16.52 -15.35 14.51
CA LYS A 271 15.70 -14.60 13.54
C LYS A 271 16.55 -13.85 12.49
N GLU A 272 16.82 -14.53 11.38
CA GLU A 272 17.70 -14.03 10.32
C GLU A 272 17.13 -14.39 8.94
N VAL A 273 17.41 -13.54 7.95
CA VAL A 273 16.93 -13.73 6.58
C VAL A 273 17.66 -14.89 5.87
N LEU A 274 16.92 -15.62 5.04
CA LEU A 274 17.40 -16.85 4.40
C LEU A 274 17.06 -16.87 2.90
N LYS A 275 18.09 -16.89 2.05
CA LYS A 275 17.95 -16.92 0.59
C LYS A 275 18.11 -18.35 0.06
N GLY A 276 17.42 -18.67 -1.03
CA GLY A 276 17.58 -19.96 -1.71
C GLY A 276 16.66 -21.10 -1.32
N ALA A 277 15.78 -20.90 -0.34
CA ALA A 277 14.69 -21.86 -0.05
C ALA A 277 13.62 -21.89 -1.17
N VAL A 278 13.35 -23.08 -1.72
CA VAL A 278 12.40 -23.27 -2.82
C VAL A 278 11.16 -23.99 -2.29
N PHE A 279 10.00 -23.37 -2.51
CA PHE A 279 8.71 -23.87 -2.04
C PHE A 279 7.75 -24.12 -3.22
N GLU A 280 6.94 -25.18 -3.09
CA GLU A 280 5.88 -25.48 -4.06
C GLU A 280 4.53 -24.98 -3.52
N VAL A 281 4.03 -23.89 -4.10
CA VAL A 281 2.70 -23.36 -3.77
C VAL A 281 1.70 -23.98 -4.74
N SER A 282 0.67 -24.63 -4.19
CA SER A 282 -0.26 -25.39 -5.01
C SER A 282 -1.65 -25.55 -4.43
N ASN A 283 -2.59 -25.78 -5.34
CA ASN A 283 -3.90 -26.32 -5.00
C ASN A 283 -4.46 -27.01 -6.25
N GLU A 284 -5.75 -27.33 -6.26
CA GLU A 284 -6.39 -27.75 -7.50
C GLU A 284 -6.44 -26.50 -8.36
N ASN A 285 -6.13 -26.64 -9.65
CA ASN A 285 -6.06 -25.51 -10.60
C ASN A 285 -4.78 -24.67 -10.55
N PHE A 286 -3.82 -24.97 -9.68
CA PHE A 286 -2.59 -24.15 -9.59
C PHE A 286 -1.38 -24.89 -9.03
N LYS A 287 -0.22 -24.68 -9.64
CA LYS A 287 1.07 -25.12 -9.11
C LYS A 287 2.18 -24.16 -9.54
N GLN A 288 3.03 -23.77 -8.59
CA GLN A 288 4.22 -22.98 -8.91
C GLN A 288 5.32 -23.13 -7.85
N ASN A 289 6.55 -23.29 -8.30
CA ASN A 289 7.73 -23.32 -7.41
C ASN A 289 8.32 -21.91 -7.35
N VAL A 290 8.41 -21.36 -6.13
CA VAL A 290 8.96 -20.03 -5.90
C VAL A 290 10.21 -20.13 -5.00
N THR A 291 11.20 -19.29 -5.27
CA THR A 291 12.44 -19.22 -4.50
C THR A 291 12.49 -17.91 -3.71
N THR A 292 13.04 -17.98 -2.50
CA THR A 292 13.14 -16.84 -1.60
C THR A 292 14.31 -15.92 -1.96
N SER A 293 14.14 -14.62 -1.68
CA SER A 293 14.98 -13.55 -2.22
C SER A 293 16.07 -13.08 -1.23
N ASP A 294 16.70 -11.95 -1.55
CA ASP A 294 17.65 -11.25 -0.66
C ASP A 294 17.15 -11.11 0.80
N LYS A 295 15.88 -10.77 0.97
CA LYS A 295 15.28 -10.49 2.28
C LYS A 295 14.47 -11.66 2.86
N GLY A 296 14.70 -12.88 2.36
CA GLY A 296 13.95 -14.05 2.82
C GLY A 296 12.50 -14.17 2.38
N ILE A 297 12.08 -13.34 1.42
CA ILE A 297 10.68 -13.22 1.01
C ILE A 297 10.44 -13.93 -0.32
N ALA A 298 9.31 -14.64 -0.40
CA ALA A 298 8.77 -15.15 -1.67
C ALA A 298 7.31 -14.69 -1.74
N GLU A 299 6.91 -14.14 -2.89
CA GLU A 299 5.58 -13.52 -3.03
C GLU A 299 4.85 -13.95 -4.29
N LEU A 300 3.55 -14.16 -4.16
CA LEU A 300 2.67 -14.43 -5.30
C LEU A 300 1.43 -13.55 -5.22
N GLY A 301 1.10 -12.89 -6.33
CA GLY A 301 -0.11 -12.07 -6.43
C GLY A 301 -1.16 -12.69 -7.34
N ASN A 302 -2.34 -12.06 -7.37
CA ASN A 302 -3.46 -12.47 -8.24
C ASN A 302 -3.86 -13.94 -8.10
N LEU A 303 -3.81 -14.46 -6.88
CA LEU A 303 -4.21 -15.84 -6.65
C LEU A 303 -5.71 -15.90 -6.44
N PRO A 304 -6.43 -16.76 -7.21
CA PRO A 304 -7.84 -17.01 -6.89
C PRO A 304 -8.04 -17.45 -5.44
N ILE A 305 -9.02 -16.87 -4.75
CA ILE A 305 -9.18 -17.11 -3.31
C ILE A 305 -9.44 -18.57 -2.99
N GLY A 306 -8.94 -19.03 -1.85
CA GLY A 306 -9.16 -20.40 -1.36
C GLY A 306 -7.98 -20.93 -0.57
N ILE A 307 -8.00 -22.24 -0.32
CA ILE A 307 -6.95 -22.93 0.46
C ILE A 307 -5.78 -23.28 -0.46
N TYR A 308 -4.55 -22.95 -0.05
CA TYR A 308 -3.32 -23.34 -0.75
C TYR A 308 -2.41 -24.18 0.13
N SER A 309 -1.74 -25.15 -0.48
CA SER A 309 -0.72 -25.96 0.19
C SER A 309 0.66 -25.37 -0.08
N VAL A 310 1.53 -25.37 0.92
CA VAL A 310 2.91 -24.89 0.80
C VAL A 310 3.87 -25.95 1.35
N LYS A 311 4.88 -26.27 0.56
CA LYS A 311 5.77 -27.40 0.80
C LYS A 311 7.19 -27.02 0.36
N GLU A 312 8.16 -27.16 1.26
CA GLU A 312 9.57 -26.93 0.89
C GLU A 312 10.06 -28.11 0.04
N ILE A 313 10.64 -27.80 -1.13
CA ILE A 313 11.19 -28.84 -2.03
C ILE A 313 12.73 -28.90 -2.00
N GLN A 314 13.37 -27.74 -1.84
CA GLN A 314 14.83 -27.64 -1.77
C GLN A 314 15.25 -26.65 -0.70
N ALA A 315 16.05 -27.10 0.26
CA ALA A 315 16.48 -26.25 1.38
C ALA A 315 17.59 -25.29 0.95
N PRO A 316 17.86 -24.25 1.76
CA PRO A 316 19.01 -23.36 1.49
C PRO A 316 20.36 -24.02 1.75
N ALA A 317 21.42 -23.26 1.49
CA ALA A 317 22.79 -23.72 1.72
C ALA A 317 23.01 -23.96 3.22
N GLY A 318 23.26 -25.21 3.59
CA GLY A 318 23.53 -25.60 4.97
C GLY A 318 22.35 -25.58 5.93
N TYR A 319 21.16 -25.89 5.43
CA TYR A 319 19.94 -25.95 6.25
C TYR A 319 19.15 -27.23 5.99
N VAL A 320 18.40 -27.67 7.01
CA VAL A 320 17.67 -28.95 6.97
C VAL A 320 16.38 -28.83 6.17
N LEU A 321 16.13 -29.82 5.32
CA LEU A 321 14.92 -29.88 4.50
C LEU A 321 13.75 -30.38 5.36
N ASP A 322 12.64 -29.65 5.31
CA ASP A 322 11.41 -30.00 6.03
C ASP A 322 10.29 -30.09 5.00
N ARG A 323 9.88 -31.33 4.69
CA ARG A 323 8.88 -31.61 3.65
C ARG A 323 7.43 -31.57 4.16
N SER A 324 7.22 -31.24 5.43
CA SER A 324 5.88 -31.14 6.01
C SER A 324 5.06 -30.06 5.30
N VAL A 325 3.80 -30.39 4.98
CA VAL A 325 2.91 -29.53 4.19
C VAL A 325 2.25 -28.49 5.10
N LYS A 326 2.17 -27.24 4.61
CA LYS A 326 1.53 -26.14 5.34
C LYS A 326 0.27 -25.70 4.58
N LYS A 327 -0.81 -25.39 5.31
CA LYS A 327 -2.08 -24.97 4.71
C LYS A 327 -2.41 -23.53 5.07
N ILE A 328 -2.78 -22.73 4.07
CA ILE A 328 -3.08 -21.31 4.29
C ILE A 328 -4.20 -20.79 3.36
N GLU A 329 -5.05 -19.92 3.89
CA GLU A 329 -6.20 -19.37 3.16
C GLU A 329 -5.85 -18.01 2.58
N VAL A 330 -6.05 -17.87 1.27
CA VAL A 330 -5.96 -16.57 0.59
C VAL A 330 -7.37 -16.01 0.55
N LYS A 331 -7.54 -14.79 1.07
CA LYS A 331 -8.83 -14.11 1.15
C LYS A 331 -8.84 -12.86 0.28
N THR A 332 -10.05 -12.46 -0.14
CA THR A 332 -10.23 -11.34 -1.10
C THR A 332 -9.61 -10.04 -0.60
N GLY A 333 -8.67 -9.51 -1.39
CA GLY A 333 -7.98 -8.25 -1.08
C GLY A 333 -6.79 -8.30 -0.13
N GLU A 334 -6.54 -9.46 0.48
CA GLU A 334 -5.59 -9.56 1.59
C GLU A 334 -4.36 -10.41 1.23
N THR A 335 -3.23 -10.09 1.86
CA THR A 335 -2.02 -10.89 1.76
C THR A 335 -1.91 -11.76 3.00
N ALA A 336 -2.09 -13.07 2.83
CA ALA A 336 -1.84 -14.05 3.88
C ALA A 336 -0.32 -14.23 4.05
N VAL A 337 0.17 -14.13 5.29
CA VAL A 337 1.61 -14.27 5.58
C VAL A 337 1.89 -15.61 6.25
N LEU A 338 2.91 -16.30 5.76
CA LEU A 338 3.38 -17.57 6.32
C LEU A 338 4.84 -17.42 6.74
N GLU A 339 5.09 -17.32 8.05
CA GLU A 339 6.45 -17.18 8.57
C GLU A 339 6.99 -18.55 9.00
N LEU A 340 8.12 -18.96 8.43
CA LEU A 340 8.70 -20.30 8.65
C LEU A 340 10.14 -20.26 9.18
N LYS A 341 10.42 -21.02 10.23
CA LYS A 341 11.78 -21.20 10.76
C LYS A 341 12.47 -22.40 10.11
N ASN A 342 13.81 -22.40 10.10
CA ASN A 342 14.60 -23.50 9.51
C ASN A 342 15.79 -23.88 10.41
N GLU A 343 16.05 -25.18 10.52
CA GLU A 343 17.07 -25.73 11.44
C GLU A 343 18.43 -25.85 10.73
N ASN A 344 19.51 -25.46 11.42
CA ASN A 344 20.88 -25.58 10.90
C ASN A 344 21.30 -27.05 10.84
N VAL A 345 22.03 -27.41 9.79
CA VAL A 345 22.58 -28.77 9.67
C VAL A 345 23.72 -28.90 10.70
N LYS A 346 23.63 -29.90 11.58
CA LYS A 346 24.60 -30.14 12.63
C LYS A 346 25.03 -31.62 12.63
N GLY A 347 26.30 -31.86 12.92
CA GLY A 347 26.87 -33.22 12.97
C GLY A 347 27.98 -33.37 13.99
N GLU A 348 28.87 -34.33 13.76
CA GLU A 348 29.92 -34.67 14.73
C GLU A 348 31.14 -35.34 14.09
N LEU A 349 32.33 -35.01 14.62
CA LEU A 349 33.59 -35.69 14.31
C LEU A 349 34.01 -36.53 15.50
N GLU A 350 34.34 -37.80 15.26
CA GLU A 350 34.81 -38.72 16.29
C GLU A 350 36.21 -39.25 15.93
N ILE A 351 37.23 -38.72 16.61
CA ILE A 351 38.62 -39.14 16.42
C ILE A 351 39.00 -40.18 17.47
N THR A 352 39.53 -41.32 17.01
CA THR A 352 40.06 -42.37 17.88
C THR A 352 41.58 -42.42 17.68
N LYS A 353 42.35 -42.35 18.77
CA LYS A 353 43.81 -42.29 18.71
C LYS A 353 44.46 -43.61 19.10
N VAL A 354 45.27 -44.18 18.19
CA VAL A 354 45.93 -45.48 18.45
C VAL A 354 47.42 -45.51 18.10
N ASP A 355 48.08 -46.57 18.56
CA ASP A 355 49.49 -46.87 18.25
C ASP A 355 49.58 -47.46 16.84
N VAL A 356 50.50 -46.94 16.03
CA VAL A 356 50.70 -47.45 14.65
C VAL A 356 51.05 -48.96 14.61
N ALA A 357 51.84 -49.42 15.59
CA ALA A 357 52.24 -50.82 15.69
C ALA A 357 51.08 -51.73 16.11
N ASP A 358 50.27 -51.29 17.07
CA ASP A 358 49.11 -52.05 17.56
C ASP A 358 47.82 -51.22 17.50
N GLY A 359 46.93 -51.56 16.56
CA GLY A 359 45.64 -50.87 16.41
C GLY A 359 44.69 -50.92 17.60
N ASN A 360 44.86 -51.93 18.46
CA ASN A 360 44.01 -52.13 19.65
C ASN A 360 44.44 -51.31 20.88
N THR A 361 45.63 -50.71 20.87
CA THR A 361 46.11 -49.84 21.95
C THR A 361 45.57 -48.40 21.79
N LYS A 362 44.69 -47.98 22.70
CA LYS A 362 44.07 -46.64 22.66
C LYS A 362 44.89 -45.63 23.47
N LEU A 363 45.08 -44.42 22.95
CA LEU A 363 45.97 -43.43 23.57
C LEU A 363 45.25 -42.18 24.08
N PRO A 364 45.29 -41.92 25.41
CA PRO A 364 44.61 -40.77 25.99
C PRO A 364 45.46 -39.51 25.97
N ASN A 365 44.81 -38.36 26.18
CA ASN A 365 45.44 -37.04 26.33
C ASN A 365 46.21 -36.53 25.09
N ALA A 366 45.81 -36.98 23.90
CA ALA A 366 46.33 -36.44 22.64
C ALA A 366 45.37 -35.32 22.17
N GLU A 367 45.92 -34.11 21.96
CA GLU A 367 45.11 -32.94 21.60
C GLU A 367 44.98 -32.79 20.08
N PHE A 368 43.75 -32.51 19.64
CA PHE A 368 43.48 -32.19 18.25
C PHE A 368 42.82 -30.82 18.16
N THR A 369 43.30 -30.01 17.22
CA THR A 369 42.74 -28.70 16.93
C THR A 369 42.03 -28.77 15.58
N ILE A 370 40.92 -28.05 15.45
CA ILE A 370 40.08 -28.06 14.25
C ILE A 370 40.02 -26.66 13.63
N TYR A 371 40.16 -26.61 12.30
CA TYR A 371 40.20 -25.36 11.54
C TYR A 371 39.09 -25.32 10.49
N ASN A 372 38.54 -24.14 10.20
CA ASN A 372 37.50 -23.95 9.18
C ASN A 372 38.10 -23.73 7.78
N GLU A 373 37.25 -23.48 6.78
CA GLU A 373 37.68 -23.27 5.39
C GLU A 373 38.75 -22.18 5.23
N GLN A 374 38.56 -21.04 5.89
CA GLN A 374 39.53 -19.94 5.83
C GLN A 374 40.80 -20.18 6.66
N GLY A 375 40.74 -21.16 7.59
CA GLY A 375 41.89 -21.57 8.37
C GLY A 375 41.93 -21.09 9.81
N LYS A 376 40.87 -20.44 10.29
CA LYS A 376 40.78 -20.00 11.69
C LYS A 376 40.58 -21.18 12.63
N GLU A 377 41.20 -21.13 13.80
CA GLU A 377 40.99 -22.14 14.84
C GLU A 377 39.56 -22.05 15.36
N VAL A 378 38.83 -23.17 15.30
CA VAL A 378 37.43 -23.26 15.75
C VAL A 378 37.33 -23.87 17.16
N VAL A 379 38.04 -24.97 17.42
CA VAL A 379 37.96 -25.67 18.72
C VAL A 379 39.12 -26.66 18.93
N LYS A 380 39.50 -26.88 20.20
CA LYS A 380 40.49 -27.89 20.61
C LYS A 380 39.84 -28.92 21.49
N GLY A 381 40.53 -30.05 21.69
CA GLY A 381 40.02 -31.11 22.56
C GLY A 381 41.00 -32.25 22.66
N LYS A 382 41.01 -32.92 23.82
CA LYS A 382 41.92 -34.04 24.09
C LYS A 382 41.16 -35.37 24.11
N THR A 383 41.90 -36.44 23.81
CA THR A 383 41.34 -37.79 23.79
C THR A 383 41.07 -38.28 25.20
N ASP A 384 39.96 -39.01 25.38
CA ASP A 384 39.55 -39.50 26.71
C ASP A 384 40.30 -40.78 27.12
N GLU A 385 39.88 -41.41 28.22
CA GLU A 385 40.48 -42.66 28.72
C GLU A 385 40.50 -43.82 27.72
N LYS A 386 39.57 -43.85 26.75
CA LYS A 386 39.55 -44.84 25.66
C LYS A 386 40.06 -44.30 24.32
N GLY A 387 40.82 -43.21 24.34
CA GLY A 387 41.42 -42.64 23.13
C GLY A 387 40.48 -41.93 22.17
N VAL A 388 39.26 -41.59 22.63
CA VAL A 388 38.24 -40.96 21.79
C VAL A 388 38.16 -39.46 22.09
N ALA A 389 38.06 -38.65 21.03
CA ALA A 389 37.77 -37.22 21.16
C ALA A 389 36.56 -36.87 20.29
N LYS A 390 35.52 -36.28 20.89
CA LYS A 390 34.25 -35.98 20.18
C LYS A 390 34.03 -34.48 20.02
N PHE A 391 33.61 -34.08 18.81
CA PHE A 391 33.44 -32.66 18.44
C PHE A 391 32.13 -32.41 17.69
N LYS A 392 31.15 -31.78 18.33
CA LYS A 392 29.88 -31.41 17.68
C LYS A 392 30.05 -30.13 16.87
N LEU A 393 29.82 -30.18 15.55
CA LEU A 393 30.11 -29.06 14.65
C LEU A 393 28.98 -28.77 13.65
N PRO A 394 28.85 -27.49 13.23
CA PRO A 394 27.86 -27.13 12.21
C PRO A 394 28.32 -27.43 10.77
N TYR A 395 27.43 -27.16 9.82
CA TYR A 395 27.65 -27.38 8.38
C TYR A 395 28.92 -26.69 7.89
N GLY A 396 29.63 -27.35 6.96
CA GLY A 396 30.82 -26.78 6.32
C GLY A 396 31.99 -27.74 6.22
N LYS A 397 33.03 -27.29 5.52
CA LYS A 397 34.29 -28.05 5.36
C LYS A 397 35.35 -27.58 6.35
N TYR A 398 36.13 -28.52 6.87
CA TYR A 398 37.12 -28.26 7.92
C TYR A 398 38.43 -29.02 7.67
N THR A 399 39.44 -28.73 8.49
CA THR A 399 40.62 -29.60 8.64
C THR A 399 40.99 -29.76 10.12
N TYR A 400 41.79 -30.78 10.44
CA TYR A 400 42.35 -30.94 11.78
C TYR A 400 43.79 -31.51 11.82
N LYS A 401 44.51 -31.20 12.90
CA LYS A 401 45.91 -31.61 13.14
C LYS A 401 46.10 -32.03 14.59
N GLU A 402 47.03 -32.95 14.82
CA GLU A 402 47.50 -33.24 16.17
C GLU A 402 48.41 -32.09 16.62
N THR A 403 48.04 -31.45 17.75
CA THR A 403 48.78 -30.31 18.29
C THR A 403 49.49 -30.57 19.63
N ILE A 404 49.07 -31.61 20.37
CA ILE A 404 49.86 -32.17 21.48
C ILE A 404 49.88 -33.69 21.33
N ALA A 405 51.06 -34.28 21.29
CA ALA A 405 51.21 -35.72 21.14
C ALA A 405 50.89 -36.38 22.46
N PRO A 406 50.36 -37.61 22.45
CA PRO A 406 50.19 -38.31 23.72
C PRO A 406 51.55 -38.67 24.35
N ASN A 407 51.58 -38.80 25.67
CA ASN A 407 52.83 -39.03 26.41
C ASN A 407 53.65 -40.23 25.89
N GLY A 408 54.88 -39.96 25.44
CA GLY A 408 55.79 -40.98 24.93
C GLY A 408 55.73 -41.31 23.44
N TYR A 409 55.09 -40.44 22.66
CA TYR A 409 54.92 -40.65 21.21
C TYR A 409 55.48 -39.50 20.37
N VAL A 410 55.83 -39.81 19.13
CA VAL A 410 56.24 -38.79 18.15
C VAL A 410 54.98 -38.14 17.60
N ILE A 411 54.97 -36.82 17.49
CA ILE A 411 53.78 -36.09 17.03
C ILE A 411 53.50 -36.45 15.57
N ASN A 412 52.22 -36.58 15.24
CA ASN A 412 51.77 -36.86 13.88
C ASN A 412 51.65 -35.53 13.15
N GLU A 413 52.38 -35.38 12.04
CA GLU A 413 52.48 -34.11 11.34
C GLU A 413 51.43 -33.89 10.24
N GLU A 414 50.62 -34.90 9.92
CA GLU A 414 49.67 -34.78 8.80
C GLU A 414 48.44 -33.93 9.12
N THR A 415 47.88 -33.29 8.09
CA THR A 415 46.63 -32.55 8.16
C THR A 415 45.50 -33.37 7.51
N PHE A 416 44.46 -33.64 8.27
CA PHE A 416 43.30 -34.39 7.80
C PHE A 416 42.17 -33.44 7.45
N ALA A 417 41.23 -33.91 6.62
CA ALA A 417 40.09 -33.11 6.16
C ALA A 417 38.77 -33.87 6.30
N PHE A 418 37.68 -33.12 6.46
CA PHE A 418 36.33 -33.68 6.53
C PHE A 418 35.28 -32.59 6.26
N GLU A 419 34.04 -33.02 6.04
CA GLU A 419 32.91 -32.10 5.81
C GLU A 419 31.64 -32.57 6.48
N ILE A 420 30.97 -31.67 7.20
CA ILE A 420 29.61 -31.93 7.71
C ILE A 420 28.61 -31.62 6.57
N LYS A 421 28.11 -32.67 5.92
CA LYS A 421 27.15 -32.52 4.81
C LYS A 421 25.71 -32.69 5.30
N GLU A 422 25.42 -33.88 5.87
CA GLU A 422 24.07 -34.29 6.24
C GLU A 422 23.81 -34.17 7.75
N ASN A 423 22.57 -33.85 8.12
CA ASN A 423 22.20 -33.58 9.52
C ASN A 423 22.21 -34.84 10.38
N GLY A 424 22.87 -34.75 11.54
CA GLY A 424 23.05 -35.90 12.43
C GLY A 424 24.15 -36.87 12.03
N GLU A 425 24.93 -36.52 11.00
CA GLU A 425 26.02 -37.36 10.50
C GLU A 425 27.17 -37.43 11.51
N ILE A 426 27.71 -38.62 11.72
CA ILE A 426 28.90 -38.81 12.57
C ILE A 426 30.04 -39.38 11.71
N ILE A 427 31.12 -38.61 11.59
CA ILE A 427 32.28 -39.01 10.81
C ILE A 427 33.32 -39.60 11.77
N LYS A 428 33.67 -40.87 11.55
CA LYS A 428 34.62 -41.58 12.39
C LYS A 428 35.96 -41.73 11.67
N HIS A 429 37.03 -41.25 12.32
CA HIS A 429 38.40 -41.30 11.77
C HIS A 429 39.32 -42.01 12.76
N ILE A 430 40.39 -42.64 12.26
CA ILE A 430 41.43 -43.26 13.11
C ILE A 430 42.78 -42.61 12.78
N VAL A 431 43.47 -42.12 13.80
CA VAL A 431 44.78 -41.49 13.64
C VAL A 431 45.86 -42.32 14.34
N GLN A 432 46.95 -42.60 13.63
CA GLN A 432 48.03 -43.46 14.13
C GLN A 432 49.21 -42.64 14.67
N ASP A 433 49.95 -43.24 15.61
CA ASP A 433 51.07 -42.57 16.29
C ASP A 433 52.27 -43.50 16.52
N LYS A 434 53.47 -42.98 16.25
CA LYS A 434 54.73 -43.75 16.40
C LYS A 434 55.30 -43.62 17.80
N LYS A 435 55.55 -44.75 18.45
CA LYS A 435 56.04 -44.77 19.83
C LYS A 435 57.53 -44.47 19.89
N VAL A 436 57.95 -43.78 20.95
CA VAL A 436 59.36 -43.44 21.14
C VAL A 436 60.09 -44.71 21.61
N GLU A 437 60.99 -45.21 20.75
CA GLU A 437 61.85 -46.36 21.05
C GLU A 437 63.33 -46.00 20.87
N GLY A 438 64.19 -46.63 21.66
CA GLY A 438 65.63 -46.34 21.64
C GLY A 438 66.48 -47.54 22.02
N GLU A 439 67.81 -47.37 21.95
CA GLU A 439 68.78 -48.44 22.17
C GLU A 439 69.81 -48.09 23.25
N LEU A 440 70.16 -49.08 24.09
CA LEU A 440 71.28 -49.00 25.02
C LEU A 440 72.41 -49.92 24.54
N GLU A 441 73.62 -49.38 24.46
CA GLU A 441 74.81 -50.12 23.98
C GLU A 441 75.94 -50.00 25.01
N ILE A 442 76.15 -51.05 25.81
CA ILE A 442 77.18 -51.07 26.85
C ILE A 442 78.44 -51.76 26.33
N THR A 443 79.52 -50.99 26.15
CA THR A 443 80.83 -51.54 25.78
C THR A 443 81.60 -51.85 27.08
N LYS A 444 81.89 -53.12 27.29
CA LYS A 444 82.58 -53.60 28.50
C LYS A 444 84.07 -53.83 28.23
N VAL A 445 84.91 -53.03 28.88
CA VAL A 445 86.37 -53.09 28.72
C VAL A 445 87.02 -53.32 30.08
N ASP A 446 88.24 -53.84 30.09
CA ASP A 446 89.03 -54.00 31.32
C ASP A 446 89.53 -52.63 31.80
N VAL A 447 89.57 -52.44 33.12
CA VAL A 447 90.01 -51.17 33.72
C VAL A 447 91.49 -50.87 33.48
N ALA A 448 92.31 -51.91 33.39
CA ALA A 448 93.72 -51.75 33.02
C ALA A 448 93.84 -51.47 31.52
N ASP A 449 93.46 -52.44 30.69
CA ASP A 449 93.66 -52.38 29.24
C ASP A 449 92.42 -51.84 28.53
N GLY A 450 92.51 -50.62 27.99
CA GLY A 450 91.48 -50.05 27.14
C GLY A 450 91.67 -50.57 25.73
N ASN A 451 90.57 -50.90 25.05
CA ASN A 451 90.62 -51.60 23.76
C ASN A 451 90.96 -53.08 23.97
N THR A 452 90.16 -53.73 24.81
CA THR A 452 90.20 -55.18 25.03
C THR A 452 88.78 -55.67 25.30
N LYS A 453 88.36 -56.71 24.59
CA LYS A 453 86.98 -57.24 24.69
C LYS A 453 86.76 -58.06 25.95
N LEU A 454 85.51 -58.12 26.39
CA LEU A 454 85.09 -59.05 27.44
C LEU A 454 83.70 -59.63 27.12
N PRO A 455 83.66 -60.84 26.53
CA PRO A 455 82.38 -61.59 26.45
C PRO A 455 81.89 -62.14 27.80
N ASN A 456 80.67 -62.66 27.81
CA ASN A 456 80.06 -63.34 28.97
C ASN A 456 79.67 -62.46 30.19
N ALA A 457 79.91 -61.14 30.14
CA ALA A 457 79.46 -60.21 31.17
C ALA A 457 77.97 -59.93 30.97
N GLU A 458 77.14 -60.34 31.92
CA GLU A 458 75.69 -60.14 31.85
C GLU A 458 75.30 -58.86 32.57
N PHE A 459 74.52 -58.03 31.89
CA PHE A 459 73.87 -56.86 32.47
C PHE A 459 72.37 -57.11 32.56
N THR A 460 71.74 -56.44 33.52
CA THR A 460 70.30 -56.56 33.77
C THR A 460 69.72 -55.15 33.91
N ILE A 461 68.57 -54.94 33.25
CA ILE A 461 67.96 -53.62 33.12
C ILE A 461 66.61 -53.60 33.84
N TYR A 462 66.44 -52.61 34.71
CA TYR A 462 65.25 -52.44 35.53
C TYR A 462 64.53 -51.14 35.16
N ASN A 463 63.23 -51.10 35.41
CA ASN A 463 62.39 -49.94 35.10
C ASN A 463 62.42 -48.93 36.26
N GLU A 464 61.63 -47.86 36.13
CA GLU A 464 61.50 -46.82 37.16
C GLU A 464 60.99 -47.36 38.51
N GLN A 465 60.09 -48.34 38.43
CA GLN A 465 59.52 -48.99 39.61
C GLN A 465 60.46 -50.04 40.20
N GLY A 466 61.34 -50.61 39.38
CA GLY A 466 62.39 -51.53 39.84
C GLY A 466 62.31 -52.96 39.33
N LYS A 467 61.26 -53.29 38.59
CA LYS A 467 61.06 -54.66 38.07
C LYS A 467 61.97 -54.92 36.86
N GLU A 468 62.46 -56.15 36.75
CA GLU A 468 63.30 -56.58 35.62
C GLU A 468 62.55 -56.46 34.29
N VAL A 469 63.30 -56.12 33.24
CA VAL A 469 62.75 -56.04 31.88
C VAL A 469 63.47 -57.00 30.94
N VAL A 470 64.79 -56.88 30.83
CA VAL A 470 65.61 -57.69 29.90
C VAL A 470 66.94 -58.09 30.56
N LYS A 471 67.48 -59.23 30.14
CA LYS A 471 68.84 -59.66 30.44
C LYS A 471 69.62 -59.77 29.13
N GLY A 472 70.95 -59.68 29.20
CA GLY A 472 71.81 -59.87 28.04
C GLY A 472 73.28 -59.95 28.38
N LYS A 473 73.95 -60.99 27.88
CA LYS A 473 75.40 -61.14 28.04
C LYS A 473 76.09 -60.28 26.99
N THR A 474 77.36 -59.96 27.23
CA THR A 474 78.17 -59.20 26.27
C THR A 474 78.58 -60.14 25.12
N ASN A 475 78.42 -59.64 23.90
CA ASN A 475 78.36 -60.47 22.70
C ASN A 475 79.80 -60.73 22.29
N GLU A 476 80.36 -59.88 21.44
CA GLU A 476 81.80 -59.85 21.17
C GLU A 476 82.24 -58.39 21.14
N GLN A 477 83.53 -58.17 21.33
CA GLN A 477 84.12 -56.82 21.47
C GLN A 477 83.62 -56.08 22.74
N GLY A 478 83.13 -56.84 23.72
CA GLY A 478 82.49 -56.27 24.91
C GLY A 478 81.14 -55.56 24.74
N ILE A 479 80.49 -55.71 23.59
CA ILE A 479 79.25 -54.97 23.28
C ILE A 479 77.99 -55.80 23.61
N ALA A 480 77.01 -55.15 24.22
CA ALA A 480 75.68 -55.74 24.51
C ALA A 480 74.58 -54.72 24.16
N LYS A 481 73.77 -55.04 23.14
CA LYS A 481 72.70 -54.14 22.66
C LYS A 481 71.34 -54.47 23.28
N PHE A 482 70.55 -53.42 23.56
CA PHE A 482 69.21 -53.56 24.16
C PHE A 482 68.25 -52.52 23.59
N LYS A 483 67.23 -52.96 22.87
CA LYS A 483 66.21 -52.07 22.30
C LYS A 483 65.05 -51.94 23.29
N LEU A 484 64.73 -50.72 23.71
CA LEU A 484 63.72 -50.46 24.75
C LEU A 484 62.83 -49.26 24.41
N PRO A 485 61.59 -49.25 24.97
CA PRO A 485 60.68 -48.12 24.77
C PRO A 485 61.04 -46.91 25.66
N TYR A 486 60.32 -45.80 25.46
CA TYR A 486 60.49 -44.59 26.27
C TYR A 486 60.40 -44.85 27.77
N GLY A 487 61.18 -44.10 28.55
CA GLY A 487 61.13 -44.13 30.00
C GLY A 487 62.48 -44.04 30.69
N LYS A 488 62.43 -43.97 32.02
CA LYS A 488 63.61 -43.90 32.88
C LYS A 488 63.92 -45.30 33.40
N TYR A 489 65.21 -45.65 33.39
CA TYR A 489 65.66 -46.99 33.75
C TYR A 489 66.90 -46.91 34.65
N THR A 490 67.24 -48.07 35.22
CA THR A 490 68.50 -48.27 35.93
C THR A 490 69.08 -49.62 35.49
N TYR A 491 70.39 -49.81 35.67
CA TYR A 491 71.04 -51.07 35.31
C TYR A 491 72.27 -51.40 36.16
N LYS A 492 72.62 -52.68 36.16
CA LYS A 492 73.68 -53.24 37.01
C LYS A 492 74.27 -54.50 36.36
N GLU A 493 75.54 -54.78 36.65
CA GLU A 493 76.18 -56.03 36.24
C GLU A 493 75.72 -57.18 37.14
N THR A 494 75.32 -58.30 36.53
CA THR A 494 74.93 -59.51 37.25
C THR A 494 76.09 -60.50 37.31
N ILE A 495 76.56 -60.93 36.12
CA ILE A 495 77.61 -61.94 35.99
C ILE A 495 78.90 -61.25 35.53
N ALA A 496 80.03 -61.69 36.10
CA ALA A 496 81.34 -61.14 35.76
C ALA A 496 81.89 -61.80 34.48
N PRO A 497 82.69 -61.07 33.69
CA PRO A 497 83.32 -61.67 32.51
C PRO A 497 84.52 -62.57 32.83
N GLY A 499 86.82 -64.44 34.97
CA GLY A 499 87.77 -64.30 36.08
C GLY A 499 87.94 -62.85 36.50
N TYR A 500 86.82 -62.17 36.77
CA TYR A 500 86.80 -60.78 37.24
C TYR A 500 85.83 -60.62 38.41
N VAL A 501 86.03 -59.57 39.21
CA VAL A 501 85.09 -59.20 40.27
C VAL A 501 83.94 -58.38 39.66
N ILE A 502 82.75 -58.51 40.23
CA ILE A 502 81.55 -57.81 39.74
C ILE A 502 81.58 -56.33 40.13
N ASN A 503 81.44 -55.45 39.13
CA ASN A 503 81.22 -54.02 39.35
C ASN A 503 79.75 -53.84 39.74
N GLU A 504 79.50 -53.50 41.01
CA GLU A 504 78.15 -53.42 41.56
C GLU A 504 77.58 -51.99 41.65
N GLU A 505 78.11 -51.07 40.83
CA GLU A 505 77.56 -49.72 40.73
C GLU A 505 76.19 -49.77 40.06
N LYS A 506 75.28 -48.89 40.52
CA LYS A 506 73.91 -48.80 40.01
C LYS A 506 73.81 -47.61 39.05
N PHE A 507 74.05 -47.89 37.77
CA PHE A 507 73.99 -46.88 36.71
C PHE A 507 72.54 -46.52 36.36
N GLY A 508 72.36 -45.39 35.65
CA GLY A 508 71.03 -44.90 35.27
C GLY A 508 71.02 -44.23 33.91
N PHE A 509 69.88 -44.29 33.22
CA PHE A 509 69.73 -43.68 31.90
C PHE A 509 68.26 -43.51 31.54
N GLU A 510 67.99 -42.68 30.54
CA GLU A 510 66.63 -42.35 30.11
C GLU A 510 66.50 -42.38 28.58
N ILE A 511 65.51 -43.12 28.07
CA ILE A 511 65.18 -43.11 26.65
C ILE A 511 64.07 -42.09 26.40
N LYS A 512 64.38 -41.01 25.69
CA LYS A 512 63.44 -39.89 25.50
C LYS A 512 63.38 -39.30 24.08
N GLU A 513 64.05 -39.94 23.11
CA GLU A 513 64.03 -39.51 21.70
C GLU A 513 64.08 -40.75 20.80
N ASN A 514 63.26 -40.78 19.75
CA ASN A 514 63.14 -41.97 18.91
C ASN A 514 64.39 -42.18 18.05
N GLY A 515 64.82 -43.44 17.95
CA GLY A 515 66.04 -43.79 17.19
C GLY A 515 67.35 -43.46 17.89
N GLU A 516 67.28 -43.20 19.20
CA GLU A 516 68.42 -42.75 19.99
C GLU A 516 69.26 -43.94 20.41
N ILE A 517 70.58 -43.81 20.37
CA ILE A 517 71.52 -44.85 20.86
C ILE A 517 72.34 -44.28 22.01
N ILE A 518 72.13 -44.81 23.22
CA ILE A 518 72.87 -44.40 24.41
C ILE A 518 74.06 -45.34 24.62
N LYS A 519 75.27 -44.82 24.40
CA LYS A 519 76.51 -45.60 24.51
C LYS A 519 77.20 -45.38 25.86
N HIS A 520 77.22 -46.41 26.71
CA HIS A 520 77.87 -46.37 28.03
C HIS A 520 79.13 -47.25 28.05
N ILE A 521 80.07 -46.94 28.94
CA ILE A 521 81.26 -47.78 29.19
C ILE A 521 81.32 -48.14 30.67
N VAL A 522 81.23 -49.43 30.98
CA VAL A 522 81.46 -49.97 32.33
C VAL A 522 82.82 -50.68 32.30
N LYS A 523 83.52 -50.70 33.44
CA LYS A 523 84.82 -51.34 33.54
C LYS A 523 84.91 -52.34 34.70
N ASN A 524 85.62 -53.45 34.46
CA ASN A 524 85.78 -54.51 35.45
C ASN A 524 87.15 -54.53 36.10
N LYS A 525 87.23 -55.23 37.23
CA LYS A 525 88.42 -55.26 38.08
C LYS A 525 88.68 -56.72 38.53
N LYS A 526 89.73 -56.89 39.31
CA LYS A 526 89.89 -58.09 40.15
C LYS A 526 90.77 -57.77 41.35
N ALA B 2 61.93 3.15 23.34
CA ALA B 2 62.16 1.93 24.18
C ALA B 2 63.52 1.32 23.87
N MSE B 3 64.46 1.51 24.79
CA MSE B 3 65.84 1.06 24.65
C MSE B 3 66.15 0.37 25.95
O MSE B 3 66.57 1.02 26.92
CB MSE B 3 66.71 2.29 24.32
CG MSE B 3 66.23 3.10 23.10
SE MSE B 3 67.09 4.89 22.95
CE MSE B 3 65.50 5.97 22.51
N GLU B 4 65.92 -0.95 26.01
CA GLU B 4 65.84 -1.68 27.29
C GLU B 4 67.12 -2.45 27.64
N VAL B 5 67.49 -2.44 28.93
CA VAL B 5 68.64 -3.20 29.45
C VAL B 5 68.20 -4.65 29.61
N MSE B 6 69.09 -5.60 29.29
CA MSE B 6 68.74 -7.02 29.24
C MSE B 6 69.61 -7.85 30.18
O MSE B 6 70.77 -7.52 30.43
CB MSE B 6 68.72 -7.47 27.77
CG MSE B 6 67.62 -6.70 27.01
SE MSE B 6 67.00 -7.52 25.33
CE MSE B 6 66.06 -5.88 24.73
N ASN B 7 69.02 -8.93 30.69
CA ASN B 7 69.48 -9.68 31.88
C ASN B 7 69.32 -11.19 31.65
N ARG B 8 70.25 -12.01 32.15
CA ARG B 8 70.42 -13.41 31.69
C ARG B 8 70.26 -14.48 32.80
N GLU B 9 70.03 -15.71 32.37
CA GLU B 9 69.78 -16.86 33.27
C GLU B 9 69.97 -18.21 32.53
N THR B 10 70.94 -19.01 33.00
CA THR B 10 71.30 -20.28 32.35
C THR B 10 70.47 -21.46 32.86
N TYR B 11 70.39 -22.53 32.07
CA TYR B 11 69.68 -23.75 32.49
C TYR B 11 70.24 -25.02 31.85
N LYS B 12 69.94 -26.16 32.47
CA LYS B 12 70.30 -27.48 31.93
C LYS B 12 69.24 -27.94 30.92
N MSE B 13 69.70 -28.61 29.85
CA MSE B 13 68.81 -29.07 28.80
C MSE B 13 69.46 -30.13 27.94
O MSE B 13 70.68 -30.15 27.82
CB MSE B 13 68.41 -27.85 27.95
CG MSE B 13 67.55 -28.11 26.72
SE MSE B 13 65.83 -28.97 27.23
CE MSE B 13 65.82 -30.15 25.67
N ASP B 14 68.65 -31.00 27.35
CA ASP B 14 69.11 -31.95 26.32
C ASP B 14 69.30 -31.22 24.98
N TRP B 15 70.39 -30.47 24.88
CA TRP B 15 70.65 -29.62 23.70
C TRP B 15 70.65 -30.41 22.40
N SER B 16 70.13 -29.83 21.33
CA SER B 16 70.25 -30.42 20.00
C SER B 16 71.66 -30.18 19.45
N TYR B 17 72.10 -31.07 18.57
CA TYR B 17 73.42 -30.99 17.93
C TYR B 17 73.32 -30.54 16.47
N SER B 18 74.17 -29.61 16.06
CA SER B 18 74.27 -29.17 14.64
C SER B 18 75.43 -29.89 13.96
N ASN B 19 75.14 -30.61 12.86
CA ASN B 19 76.19 -31.33 12.14
C ASN B 19 77.16 -30.37 11.44
N SER B 20 76.65 -29.28 10.86
CA SER B 20 77.49 -28.32 10.14
C SER B 20 78.43 -27.54 11.07
N LYS B 21 77.89 -27.02 12.17
CA LYS B 21 78.68 -26.26 13.14
C LYS B 21 79.51 -27.16 14.08
N GLN B 22 79.19 -28.45 14.12
CA GLN B 22 79.89 -29.42 14.96
C GLN B 22 79.94 -29.05 16.44
N ARG B 23 78.79 -28.67 16.98
CA ARG B 23 78.64 -28.38 18.40
C ARG B 23 77.19 -28.44 18.84
N GLU B 24 76.98 -28.60 20.15
CA GLU B 24 75.66 -28.48 20.74
C GLU B 24 75.16 -27.05 20.58
N ILE B 25 73.87 -26.90 20.29
CA ILE B 25 73.21 -25.60 20.14
C ILE B 25 72.55 -25.23 21.48
N LYS B 26 73.15 -24.27 22.18
CA LYS B 26 72.69 -23.84 23.50
C LYS B 26 72.10 -22.44 23.51
N THR B 27 71.50 -22.06 24.64
CA THR B 27 70.98 -20.71 24.87
C THR B 27 70.76 -20.45 26.36
N GLU B 28 70.34 -19.24 26.67
CA GLU B 28 69.98 -18.82 28.04
C GLU B 28 68.64 -18.09 27.96
N ILE B 29 68.01 -17.87 29.12
CA ILE B 29 66.77 -17.09 29.19
C ILE B 29 67.16 -15.64 29.37
N ILE B 30 66.81 -14.80 28.40
CA ILE B 30 67.12 -13.38 28.44
C ILE B 30 65.85 -12.63 28.89
N LYS B 31 66.00 -11.72 29.84
CA LYS B 31 64.88 -10.94 30.39
C LYS B 31 65.19 -9.45 30.39
N THR B 32 64.22 -8.62 30.00
CA THR B 32 64.37 -7.16 30.00
C THR B 32 64.26 -6.62 31.43
N ALA B 33 64.50 -5.32 31.60
CA ALA B 33 64.43 -4.68 32.92
C ALA B 33 63.03 -4.78 33.53
N SER B 34 61.99 -4.58 32.71
CA SER B 34 60.60 -4.74 33.14
C SER B 34 60.24 -6.17 33.55
N GLY B 35 60.86 -7.17 32.91
CA GLY B 35 60.68 -8.59 33.26
C GLY B 35 60.33 -9.51 32.11
N SER B 36 59.89 -8.95 30.98
CA SER B 36 59.49 -9.76 29.83
C SER B 36 60.67 -10.47 29.14
N ILE B 37 60.37 -11.64 28.56
CA ILE B 37 61.39 -12.50 27.96
C ILE B 37 61.72 -12.07 26.54
N ALA B 38 63.01 -11.91 26.26
CA ALA B 38 63.52 -11.65 24.92
C ALA B 38 64.15 -12.90 24.33
N TYR B 39 64.07 -13.02 23.01
CA TYR B 39 64.72 -14.11 22.29
C TYR B 39 65.85 -13.59 21.42
N CYS B 40 66.81 -14.47 21.15
CA CYS B 40 68.01 -14.16 20.39
C CYS B 40 67.80 -14.50 18.91
N LEU B 41 68.33 -13.64 18.03
CA LEU B 41 68.08 -13.76 16.57
C LEU B 41 69.16 -14.52 15.77
N THR B 42 70.21 -14.97 16.45
CA THR B 42 71.23 -15.84 15.85
C THR B 42 71.89 -16.73 16.92
N PRO B 43 72.26 -17.98 16.57
CA PRO B 43 73.02 -18.83 17.51
C PRO B 43 74.55 -18.64 17.44
N ASP B 44 75.03 -17.69 16.65
CA ASP B 44 76.47 -17.52 16.38
C ASP B 44 77.17 -16.49 17.27
N LEU B 45 76.43 -15.51 17.79
CA LEU B 45 76.98 -14.48 18.67
C LEU B 45 76.34 -14.59 20.06
N ARG B 46 77.10 -14.22 21.10
CA ARG B 46 76.66 -14.34 22.49
C ARG B 46 75.51 -13.38 22.82
N SER B 47 74.74 -13.75 23.85
CA SER B 47 73.65 -12.90 24.35
C SER B 47 74.21 -11.77 25.21
N PRO B 48 73.44 -10.67 25.37
CA PRO B 48 73.89 -9.56 26.21
C PRO B 48 73.80 -9.90 27.70
N ASN B 49 74.62 -9.22 28.51
CA ASN B 49 74.75 -9.52 29.94
C ASN B 49 74.29 -8.34 30.83
N GLY B 50 74.49 -7.10 30.34
CA GLY B 50 73.89 -5.92 30.97
C GLY B 50 74.00 -4.67 30.09
N GLU B 51 73.56 -4.78 28.84
CA GLU B 51 73.83 -3.76 27.82
C GLU B 51 72.55 -3.10 27.33
N ASP B 52 72.56 -1.76 27.26
CA ASP B 52 71.43 -0.98 26.71
C ASP B 52 71.36 -1.17 25.18
N LEU B 53 70.27 -1.77 24.69
CA LEU B 53 70.11 -2.09 23.26
C LEU B 53 69.03 -1.24 22.58
N PRO B 54 69.38 -0.48 21.51
CA PRO B 54 68.42 0.39 20.81
C PRO B 54 67.59 -0.31 19.72
N GLU B 55 66.35 0.15 19.52
CA GLU B 55 65.44 -0.39 18.49
C GLU B 55 65.96 -0.19 17.07
N MSE B 56 65.88 -1.24 16.26
CA MSE B 56 66.22 -1.17 14.83
C MSE B 56 65.07 -1.38 13.86
O MSE B 56 65.24 -1.17 12.66
CB MSE B 56 67.35 -2.15 14.50
CG MSE B 56 66.93 -3.63 14.44
SE MSE B 56 68.54 -4.74 14.59
CE MSE B 56 69.23 -4.21 12.82
N GLY B 57 63.91 -1.80 14.37
CA GLY B 57 62.75 -2.07 13.51
C GLY B 57 62.01 -3.31 13.99
N LYS B 58 61.68 -4.19 13.06
CA LYS B 58 60.92 -5.41 13.35
C LYS B 58 61.58 -6.62 12.73
N THR B 59 61.26 -7.79 13.26
CA THR B 59 61.67 -9.05 12.64
C THR B 59 60.71 -9.36 11.49
N SER B 60 60.94 -10.46 10.79
CA SER B 60 59.99 -10.96 9.78
C SER B 60 58.69 -11.45 10.41
N ASP B 61 57.62 -11.47 9.61
CA ASP B 61 56.33 -12.05 10.05
C ASP B 61 56.46 -13.55 10.44
N ALA B 62 57.34 -14.30 9.77
CA ALA B 62 57.61 -15.69 10.15
C ALA B 62 58.06 -15.82 11.60
N VAL B 63 59.07 -15.03 11.97
CA VAL B 63 59.58 -15.04 13.35
C VAL B 63 58.48 -14.57 14.32
N TYR B 64 57.78 -13.51 13.92
CA TYR B 64 56.64 -12.97 14.68
C TYR B 64 55.61 -14.05 15.01
N ARG B 65 55.25 -14.85 14.03
CA ARG B 65 54.30 -15.95 14.23
C ARG B 65 54.77 -17.03 15.24
N VAL B 66 56.08 -17.29 15.28
CA VAL B 66 56.63 -18.20 16.30
C VAL B 66 56.38 -17.65 17.72
N LEU B 67 56.62 -16.36 17.92
CA LEU B 67 56.43 -15.74 19.24
C LEU B 67 54.95 -15.71 19.67
N LEU B 68 54.03 -15.47 18.73
CA LEU B 68 52.58 -15.51 19.02
C LEU B 68 52.16 -16.88 19.56
N ASN B 69 52.69 -17.93 18.95
CA ASN B 69 52.32 -19.31 19.26
C ASN B 69 53.13 -19.99 20.38
N GLY B 70 54.27 -19.40 20.78
CA GLY B 70 55.24 -20.06 21.68
C GLY B 70 55.25 -19.57 23.12
N TYR B 71 56.35 -19.85 23.81
CA TYR B 71 56.54 -19.45 25.21
C TYR B 71 57.10 -18.02 25.23
N PRO B 72 56.67 -17.13 26.14
CA PRO B 72 55.70 -17.36 27.21
C PRO B 72 54.24 -16.86 26.96
N GLN B 73 53.87 -16.54 25.72
CA GLN B 73 52.45 -16.29 25.39
C GLN B 73 51.57 -17.44 25.88
N LYS B 74 52.06 -18.66 25.72
CA LYS B 74 51.41 -19.88 26.20
C LYS B 74 52.38 -20.62 27.13
N GLY B 75 51.84 -21.28 28.14
CA GLY B 75 52.66 -22.01 29.12
C GLY B 75 52.99 -23.42 28.66
N PRO B 76 53.82 -24.15 29.43
CA PRO B 76 54.25 -25.50 29.01
C PRO B 76 53.13 -26.54 28.80
N SER B 77 52.17 -26.64 29.70
CA SER B 77 51.11 -27.66 29.56
C SER B 77 50.26 -27.44 28.31
N GLU B 78 49.94 -26.17 28.03
CA GLU B 78 49.22 -25.80 26.81
C GLU B 78 50.03 -26.08 25.53
N LEU B 79 51.34 -25.88 25.59
CA LEU B 79 52.22 -26.13 24.42
C LEU B 79 52.55 -27.60 24.18
N GLY B 80 52.41 -28.45 25.19
CA GLY B 80 52.68 -29.88 25.08
C GLY B 80 54.03 -30.36 25.59
N VAL B 81 54.68 -29.59 26.45
CA VAL B 81 55.97 -29.99 27.08
C VAL B 81 55.90 -29.92 28.61
N ALA B 82 56.91 -30.49 29.27
CA ALA B 82 56.88 -30.69 30.72
C ALA B 82 57.28 -29.48 31.55
N THR B 83 58.27 -28.71 31.10
CA THR B 83 58.86 -27.64 31.91
C THR B 83 58.99 -26.35 31.13
N THR B 84 59.17 -25.25 31.85
CA THR B 84 59.39 -23.94 31.23
C THR B 84 60.69 -23.90 30.43
N GLU B 85 61.69 -24.65 30.86
CA GLU B 85 62.95 -24.76 30.12
C GLU B 85 62.75 -25.43 28.76
N GLU B 86 61.99 -26.52 28.71
CA GLU B 86 61.66 -27.18 27.44
C GLU B 86 60.83 -26.27 26.52
N ALA B 87 59.86 -25.56 27.09
CA ALA B 87 59.05 -24.61 26.34
C ALA B 87 59.91 -23.50 25.75
N HIS B 88 60.78 -22.93 26.56
CA HIS B 88 61.69 -21.88 26.11
C HIS B 88 62.63 -22.35 24.99
N TYR B 89 63.26 -23.51 25.17
CA TYR B 89 64.29 -23.99 24.25
C TYR B 89 63.72 -24.27 22.87
N ALA B 90 62.59 -24.95 22.82
CA ALA B 90 61.91 -25.23 21.54
C ALA B 90 61.46 -23.94 20.83
N THR B 91 61.06 -22.93 21.60
CA THR B 91 60.70 -21.63 21.03
C THR B 91 61.91 -20.97 20.40
N GLN B 92 63.03 -20.90 21.12
CA GLN B 92 64.28 -20.33 20.58
C GLN B 92 64.75 -21.03 19.30
N LEU B 93 64.67 -22.36 19.27
CA LEU B 93 65.06 -23.12 18.07
C LEU B 93 64.18 -22.78 16.86
N ALA B 94 62.87 -22.71 17.09
CA ALA B 94 61.91 -22.33 16.04
C ALA B 94 62.11 -20.89 15.56
N VAL B 95 62.48 -19.99 16.48
CA VAL B 95 62.83 -18.62 16.10
C VAL B 95 64.01 -18.66 15.12
N TRP B 96 65.07 -19.40 15.46
CA TRP B 96 66.26 -19.52 14.60
C TRP B 96 65.97 -20.19 13.26
N ILE B 97 65.08 -21.19 13.24
CA ILE B 97 64.68 -21.81 11.98
C ILE B 97 63.88 -20.85 11.10
N ALA B 98 62.90 -20.15 11.68
CA ALA B 98 62.11 -19.18 10.92
C ALA B 98 62.95 -18.01 10.41
N ALA B 99 64.01 -17.65 11.14
CA ALA B 99 64.95 -16.61 10.71
C ALA B 99 66.03 -17.07 9.70
N ASN B 100 66.00 -18.34 9.29
CA ASN B 100 67.00 -18.94 8.39
C ASN B 100 68.44 -18.98 8.93
N GLU B 101 68.58 -19.06 10.26
CA GLU B 101 69.89 -19.26 10.91
C GLU B 101 70.22 -20.74 11.12
N LEU B 102 69.21 -21.60 11.12
CA LEU B 102 69.37 -23.06 11.17
C LEU B 102 68.34 -23.70 10.24
N THR B 103 68.63 -24.92 9.78
CA THR B 103 67.67 -25.75 9.05
C THR B 103 67.41 -27.03 9.84
N GLU B 104 66.20 -27.59 9.71
CA GLU B 104 65.78 -28.78 10.46
C GLU B 104 66.67 -29.99 10.20
N GLU B 105 67.03 -30.22 8.95
CA GLU B 105 67.90 -31.34 8.54
C GLU B 105 69.32 -31.30 9.15
N ASP B 106 69.79 -30.12 9.50
CA ASP B 106 71.08 -29.93 10.15
C ASP B 106 71.08 -30.35 11.62
N LEU B 107 69.92 -30.34 12.27
CA LEU B 107 69.82 -30.56 13.73
C LEU B 107 69.57 -32.01 14.11
N VAL B 108 70.06 -32.42 15.28
CA VAL B 108 69.83 -33.75 15.83
C VAL B 108 69.22 -33.58 17.22
N ALA B 109 67.93 -33.87 17.34
CA ALA B 109 67.21 -33.71 18.61
C ALA B 109 67.64 -34.74 19.66
N LYS B 110 67.50 -34.37 20.93
CA LYS B 110 67.79 -35.23 22.09
C LYS B 110 66.65 -35.24 23.11
N ASN B 111 65.44 -34.84 22.70
CA ASN B 111 64.28 -34.74 23.58
C ASN B 111 63.03 -34.61 22.71
N GLU B 112 62.16 -35.61 22.71
CA GLU B 112 61.03 -35.67 21.78
C GLU B 112 59.93 -34.66 22.09
N ARG B 113 59.74 -34.34 23.37
CA ARG B 113 58.82 -33.26 23.73
C ARG B 113 59.29 -31.94 23.13
N VAL B 114 60.58 -31.65 23.25
CA VAL B 114 61.18 -30.47 22.61
C VAL B 114 61.08 -30.53 21.07
N HIS B 115 61.35 -31.69 20.50
CA HIS B 115 61.23 -31.90 19.04
C HIS B 115 59.78 -31.75 18.56
N ASN B 116 58.81 -32.27 19.31
CA ASN B 116 57.38 -32.13 18.96
C ASN B 116 56.94 -30.66 18.92
N LEU B 117 57.25 -29.91 19.98
CA LEU B 117 56.87 -28.48 20.05
C LEU B 117 57.53 -27.66 18.95
N MSE B 118 58.82 -27.90 18.69
CA MSE B 118 59.57 -27.20 17.62
C MSE B 118 58.92 -27.38 16.26
O MSE B 118 58.81 -26.42 15.48
CB MSE B 118 61.02 -27.72 17.57
CG MSE B 118 61.97 -26.80 16.81
SE MSE B 118 63.51 -27.82 16.11
CE MSE B 118 62.60 -28.59 14.55
N LYS B 119 58.46 -28.59 15.95
CA LYS B 119 57.74 -28.87 14.71
C LYS B 119 56.44 -28.07 14.62
N ARG B 120 55.68 -28.04 15.73
CA ARG B 120 54.40 -27.30 15.79
C ARG B 120 54.58 -25.81 15.54
N LEU B 121 55.57 -25.21 16.21
CA LEU B 121 55.83 -23.78 16.08
C LEU B 121 56.37 -23.38 14.71
N VAL B 122 57.18 -24.24 14.10
CA VAL B 122 57.72 -24.01 12.74
C VAL B 122 56.63 -24.15 11.68
N GLU B 123 55.77 -25.16 11.82
CA GLU B 123 54.61 -25.34 10.92
C GLU B 123 53.68 -24.11 10.97
N ALA B 124 53.42 -23.60 12.18
CA ALA B 124 52.62 -22.38 12.36
C ALA B 124 53.24 -21.10 11.74
N SER B 125 54.56 -20.98 11.75
CA SER B 125 55.23 -19.85 11.09
C SER B 125 55.07 -19.91 9.56
N LYS B 126 54.98 -21.10 8.99
CA LYS B 126 54.79 -21.28 7.55
C LYS B 126 53.33 -21.19 7.08
N LYS B 127 52.37 -21.61 7.91
CA LYS B 127 50.97 -21.86 7.49
C LYS B 127 50.01 -20.74 7.86
N GLU B 128 50.08 -20.27 9.10
CA GLU B 128 49.23 -19.17 9.56
C GLU B 128 49.63 -17.87 8.84
N THR B 129 48.80 -16.84 8.98
CA THR B 129 48.94 -15.62 8.19
C THR B 129 49.03 -14.30 8.97
N GLY B 130 49.09 -14.37 10.29
CA GLY B 130 49.18 -13.17 11.13
C GLY B 130 50.37 -12.30 10.75
N SER B 131 50.15 -10.98 10.71
CA SER B 131 51.15 -10.02 10.21
C SER B 131 51.29 -8.81 11.12
N GLN B 132 52.48 -8.21 11.09
CA GLN B 132 52.80 -7.01 11.84
C GLN B 132 52.35 -5.72 11.14
N ASP B 133 52.09 -5.80 9.82
CA ASP B 133 51.48 -4.69 9.08
C ASP B 133 50.09 -4.43 9.66
N VAL B 134 49.83 -3.17 10.02
CA VAL B 134 48.57 -2.80 10.67
C VAL B 134 47.49 -2.70 9.59
N PHE B 135 46.42 -3.48 9.74
CA PHE B 135 45.31 -3.52 8.78
C PHE B 135 44.13 -2.75 9.33
N PHE B 136 43.53 -1.89 8.52
CA PHE B 136 42.37 -1.09 8.95
C PHE B 136 41.46 -0.73 7.77
N LYS B 137 40.19 -1.10 7.86
CA LYS B 137 39.21 -0.90 6.77
C LYS B 137 37.78 -0.79 7.32
N VAL B 138 37.00 0.13 6.78
CA VAL B 138 35.58 0.28 7.16
C VAL B 138 34.69 -0.31 6.06
N ASN B 139 33.86 -1.29 6.41
CA ASN B 139 32.92 -1.90 5.48
C ASN B 139 31.50 -1.47 5.87
N PRO B 140 30.65 -1.06 4.93
CA PRO B 140 30.92 -1.06 3.49
C PRO B 140 31.66 0.19 3.01
N VAL B 141 32.25 0.09 1.82
CA VAL B 141 33.15 1.12 1.28
C VAL B 141 32.42 2.12 0.38
N ASP B 142 31.45 1.62 -0.39
CA ASP B 142 30.62 2.47 -1.28
C ASP B 142 29.63 3.36 -0.53
N SER B 143 29.21 4.44 -1.17
CA SER B 143 28.29 5.41 -0.57
C SER B 143 26.94 4.75 -0.31
N GLN B 144 26.36 5.07 0.84
CA GLN B 144 25.14 4.41 1.32
C GLN B 144 23.92 5.35 1.31
N THR B 145 22.74 4.76 1.12
CA THR B 145 21.48 5.49 1.13
C THR B 145 20.65 5.11 2.36
N ALA B 146 20.16 6.13 3.08
CA ALA B 146 19.33 5.91 4.27
C ALA B 146 17.86 5.83 3.89
N THR B 147 17.16 4.82 4.41
CA THR B 147 15.73 4.60 4.16
C THR B 147 14.92 4.67 5.45
N GLN B 148 13.63 4.98 5.32
CA GLN B 148 12.76 5.19 6.48
C GLN B 148 12.51 3.93 7.29
N ASN B 149 12.45 4.10 8.61
CA ASN B 149 12.14 3.04 9.55
C ASN B 149 11.48 3.69 10.78
N GLY B 150 10.20 4.00 10.64
CA GLY B 150 9.44 4.68 11.68
C GLY B 150 9.82 6.15 11.78
N ASP B 151 10.37 6.54 12.93
CA ASP B 151 10.71 7.95 13.19
C ASP B 151 11.98 8.42 12.50
N TYR B 152 12.86 7.50 12.09
CA TYR B 152 14.17 7.84 11.53
C TYR B 152 14.38 7.31 10.12
N LEU B 153 15.18 8.05 9.34
CA LEU B 153 15.88 7.49 8.18
C LEU B 153 17.16 6.83 8.68
N GLU B 154 17.42 5.59 8.25
CA GLU B 154 18.61 4.88 8.74
C GLU B 154 19.34 4.06 7.67
N THR B 155 20.68 4.00 7.83
CA THR B 155 21.55 3.12 7.03
C THR B 155 21.56 1.71 7.64
N GLY B 156 22.27 0.81 7.00
CA GLY B 156 22.63 -0.47 7.62
C GLY B 156 23.81 -0.30 8.56
N PHE B 157 24.33 -1.41 9.08
CA PHE B 157 25.47 -1.34 10.01
C PHE B 157 26.81 -1.29 9.26
N TYR B 158 27.70 -0.43 9.75
CA TYR B 158 29.09 -0.39 9.29
C TYR B 158 29.93 -1.21 10.27
N ALA B 159 31.10 -1.68 9.83
CA ALA B 159 32.03 -2.47 10.70
C ALA B 159 33.51 -2.16 10.44
N VAL B 160 34.30 -2.15 11.52
CA VAL B 160 35.76 -1.96 11.43
C VAL B 160 36.49 -3.31 11.36
N GLN B 161 37.11 -3.58 10.21
CA GLN B 161 37.91 -4.77 9.98
C GLN B 161 39.39 -4.46 10.27
N THR B 162 39.98 -5.16 11.25
CA THR B 162 41.38 -4.93 11.65
C THR B 162 42.05 -6.16 12.26
N ASN B 163 43.38 -6.22 12.16
CA ASN B 163 44.18 -7.30 12.79
C ASN B 163 44.68 -6.91 14.19
N ALA B 164 44.23 -5.78 14.70
CA ALA B 164 44.60 -5.32 16.05
C ALA B 164 43.98 -6.20 17.12
N VAL B 165 44.65 -6.29 18.27
CA VAL B 165 44.16 -7.06 19.43
C VAL B 165 43.12 -6.30 20.26
N SER B 166 43.21 -4.98 20.27
CA SER B 166 42.19 -4.12 20.86
C SER B 166 42.30 -2.72 20.27
N GLY B 167 41.29 -1.90 20.52
CA GLY B 167 41.26 -0.55 19.99
C GLY B 167 39.91 0.11 20.11
N SER B 168 39.86 1.40 19.78
CA SER B 168 38.60 2.13 19.70
C SER B 168 38.64 3.10 18.52
N TYR B 169 37.46 3.57 18.12
CA TYR B 169 37.33 4.49 16.98
C TYR B 169 36.20 5.50 17.18
N THR B 170 36.30 6.63 16.49
CA THR B 170 35.34 7.72 16.62
C THR B 170 34.89 8.19 15.25
N ILE B 171 33.59 8.52 15.16
CA ILE B 171 32.96 8.94 13.92
C ILE B 171 32.95 10.45 13.88
N LEU B 172 33.46 11.01 12.78
CA LEU B 172 33.62 12.44 12.61
C LEU B 172 32.86 12.89 11.35
N PRO B 173 31.57 13.22 11.51
CA PRO B 173 30.74 13.69 10.38
C PRO B 173 30.98 15.17 10.03
N GLU B 174 31.06 15.48 8.73
CA GLU B 174 31.26 16.85 8.22
C GLU B 174 29.96 17.46 7.71
N ASN B 175 29.52 18.54 8.38
CA ASN B 175 28.33 19.33 8.00
C ASN B 175 27.09 18.45 7.85
N ALA B 176 26.83 17.65 8.88
CA ALA B 176 25.73 16.69 8.87
C ALA B 176 24.44 17.35 9.35
N PRO B 177 23.27 16.76 9.01
CA PRO B 177 22.01 17.37 9.44
C PRO B 177 21.76 17.36 10.95
N LYS B 178 20.83 18.21 11.37
CA LYS B 178 20.49 18.38 12.79
C LYS B 178 19.72 17.17 13.28
N GLY B 179 20.09 16.67 14.46
CA GLY B 179 19.44 15.50 15.06
C GLY B 179 20.01 14.15 14.68
N LEU B 180 21.18 14.15 14.02
CA LEU B 180 21.92 12.91 13.73
C LEU B 180 22.18 12.13 15.01
N ARG B 181 21.96 10.82 14.97
CA ARG B 181 22.33 9.91 16.06
C ARG B 181 23.09 8.72 15.50
N ILE B 182 24.02 8.21 16.30
CA ILE B 182 24.84 7.06 15.91
C ILE B 182 24.62 5.98 16.97
N VAL B 183 24.24 4.78 16.54
CA VAL B 183 23.93 3.66 17.45
C VAL B 183 24.70 2.41 17.10
N ASN B 184 24.88 1.54 18.09
CA ASN B 184 25.44 0.19 17.87
C ASN B 184 24.31 -0.85 17.73
N GLU B 185 24.66 -2.13 17.68
CA GLU B 185 23.66 -3.19 17.49
C GLU B 185 22.68 -3.37 18.65
N ASN B 186 23.04 -2.94 19.86
CA ASN B 186 22.11 -2.96 21.01
C ASN B 186 21.26 -1.69 21.12
N GLY B 187 21.37 -0.78 20.15
CA GLY B 187 20.62 0.46 20.18
C GLY B 187 21.16 1.52 21.13
N GLU B 188 22.42 1.37 21.56
CA GLU B 188 23.05 2.31 22.48
C GLU B 188 23.66 3.48 21.68
N GLU B 189 23.29 4.72 22.03
CA GLU B 189 23.84 5.92 21.37
C GLU B 189 25.31 6.20 21.76
N LYS B 190 26.19 6.19 20.76
CA LYS B 190 27.63 6.37 20.95
C LYS B 190 28.27 6.99 19.72
N SER B 191 29.20 7.91 19.90
CA SER B 191 30.09 8.37 18.81
C SER B 191 31.49 7.75 18.88
N THR B 192 31.94 7.35 20.07
CA THR B 192 33.19 6.57 20.25
C THR B 192 32.87 5.13 20.67
N LEU B 193 33.37 4.17 19.90
CA LEU B 193 33.06 2.75 20.08
C LEU B 193 34.32 1.87 20.12
N SER B 194 34.17 0.67 20.67
CA SER B 194 35.21 -0.35 20.65
C SER B 194 35.25 -1.00 19.26
N ILE B 195 36.43 -1.47 18.83
CA ILE B 195 36.57 -2.05 17.48
C ILE B 195 35.69 -3.26 17.19
N ASN B 196 35.27 -3.97 18.24
CA ASN B 196 34.34 -5.10 18.05
C ASN B 196 32.85 -4.70 17.94
N GLU B 197 32.54 -3.41 18.03
CA GLU B 197 31.17 -2.91 17.87
C GLU B 197 30.94 -2.40 16.44
N LYS B 198 29.68 -2.49 15.98
CA LYS B 198 29.26 -1.93 14.70
C LYS B 198 28.44 -0.68 14.95
N PHE B 199 28.32 0.16 13.93
CA PHE B 199 27.54 1.40 14.05
C PHE B 199 26.60 1.67 12.87
N LYS B 200 25.55 2.44 13.17
CA LYS B 200 24.48 2.76 12.21
C LYS B 200 24.13 4.23 12.35
N ILE B 201 23.77 4.87 11.24
CA ILE B 201 23.41 6.29 11.21
C ILE B 201 21.88 6.45 11.22
N LEU B 202 21.38 7.31 12.10
CA LEU B 202 19.96 7.69 12.14
C LEU B 202 19.81 9.19 11.86
N LEU B 203 18.82 9.56 11.05
CA LEU B 203 18.45 10.97 10.81
C LEU B 203 16.95 11.12 11.01
N PRO B 204 16.47 12.24 11.58
CA PRO B 204 15.01 12.43 11.65
C PRO B 204 14.36 12.36 10.27
N LYS B 205 13.27 11.62 10.13
CA LYS B 205 12.56 11.48 8.85
C LYS B 205 12.23 12.83 8.21
N ASP B 206 11.91 13.83 9.03
CA ASP B 206 11.64 15.20 8.60
C ASP B 206 12.92 15.97 8.26
N THR B 207 13.72 15.47 7.33
CA THR B 207 14.96 16.13 6.88
C THR B 207 14.86 16.18 5.36
N SER B 208 15.04 17.36 4.79
CA SER B 208 15.04 17.52 3.34
C SER B 208 16.17 16.71 2.69
N SER B 209 15.96 16.33 1.43
CA SER B 209 16.92 15.51 0.68
C SER B 209 18.32 16.11 0.70
N GLY B 210 19.32 15.25 0.86
CA GLY B 210 20.70 15.72 0.87
C GLY B 210 21.74 14.63 1.02
N ASN B 211 22.93 15.03 1.46
CA ASN B 211 24.04 14.11 1.69
C ASN B 211 25.13 14.74 2.55
N PHE B 212 25.94 13.90 3.17
CA PHE B 212 27.13 14.37 3.89
C PHE B 212 28.24 13.32 3.89
N LYS B 213 29.46 13.77 4.18
CA LYS B 213 30.64 12.92 4.29
C LYS B 213 31.01 12.75 5.76
N MSE B 214 31.59 11.60 6.09
CA MSE B 214 32.15 11.34 7.42
C MSE B 214 33.44 10.56 7.33
O MSE B 214 33.73 9.91 6.32
CB MSE B 214 31.10 10.60 8.28
CG MSE B 214 30.77 9.20 7.77
SE MSE B 214 29.36 8.39 8.85
CE MSE B 214 29.06 6.80 7.75
N LYS B 215 34.23 10.63 8.41
CA LYS B 215 35.49 9.89 8.54
C LYS B 215 35.49 9.09 9.84
N VAL B 216 36.11 7.92 9.80
CA VAL B 216 36.33 7.11 11.00
C VAL B 216 37.80 7.18 11.43
N LYS B 217 38.03 7.73 12.62
CA LYS B 217 39.36 7.86 13.23
C LYS B 217 39.51 6.81 14.33
N SER B 218 40.61 6.07 14.33
CA SER B 218 40.83 5.01 15.33
C SER B 218 42.21 5.02 15.97
N THR B 219 42.29 4.45 17.17
CA THR B 219 43.54 4.17 17.86
C THR B 219 43.61 2.66 18.09
N LEU B 220 44.57 2.00 17.44
CA LEU B 220 44.67 0.53 17.45
C LEU B 220 45.90 0.03 18.20
N THR B 221 45.77 -1.11 18.87
CA THR B 221 46.87 -1.80 19.54
C THR B 221 47.15 -3.11 18.82
N ASN B 222 48.33 -3.22 18.17
CA ASN B 222 48.80 -4.47 17.54
C ASN B 222 49.98 -5.06 18.31
N LEU B 223 50.05 -6.40 18.36
CA LEU B 223 51.26 -7.09 18.81
C LEU B 223 52.29 -6.98 17.71
N GLN B 224 53.55 -6.74 18.09
CA GLN B 224 54.67 -6.63 17.15
C GLN B 224 55.97 -7.18 17.74
N ALA B 225 56.74 -7.87 16.91
CA ALA B 225 58.04 -8.43 17.31
C ALA B 225 59.14 -7.40 17.01
N ILE B 226 59.40 -6.54 18.00
CA ILE B 226 60.36 -5.43 17.83
C ILE B 226 61.77 -5.97 17.97
N ALA B 227 62.66 -5.50 17.08
CA ALA B 227 64.07 -5.94 17.05
C ALA B 227 64.98 -4.90 17.70
N PHE B 228 66.03 -5.38 18.37
CA PHE B 228 67.00 -4.53 19.07
C PHE B 228 68.43 -4.83 18.61
N LYS B 229 69.21 -3.77 18.39
CA LYS B 229 70.48 -3.82 17.66
C LYS B 229 71.67 -4.08 18.56
N GLY B 230 72.24 -5.28 18.49
CA GLY B 230 73.50 -5.59 19.14
C GLY B 230 74.69 -4.78 18.65
N SER B 231 75.74 -4.73 19.46
CA SER B 231 77.06 -4.30 19.00
C SER B 231 77.58 -5.46 18.16
N GLU B 232 78.69 -5.27 17.44
CA GLU B 232 79.17 -6.28 16.48
C GLU B 232 79.80 -7.54 17.11
N LYS B 233 79.86 -7.58 18.45
CA LYS B 233 80.24 -8.77 19.19
C LYS B 233 79.01 -9.50 19.77
N VAL B 234 77.93 -8.75 20.03
CA VAL B 234 76.73 -9.26 20.71
C VAL B 234 75.58 -9.45 19.72
N GLN B 235 74.70 -10.40 20.00
CA GLN B 235 73.54 -10.71 19.14
C GLN B 235 72.51 -9.59 19.12
N ASN B 236 71.73 -9.55 18.04
CA ASN B 236 70.45 -8.82 18.01
C ASN B 236 69.41 -9.65 18.74
N THR B 237 68.43 -8.98 19.35
CA THR B 237 67.34 -9.65 20.07
C THR B 237 65.95 -9.20 19.61
N THR B 238 64.92 -9.93 20.06
CA THR B 238 63.52 -9.60 19.76
C THR B 238 62.64 -9.69 21.01
N VAL B 239 61.66 -8.80 21.12
CA VAL B 239 60.65 -8.85 22.18
C VAL B 239 59.27 -8.61 21.57
N LEU B 240 58.31 -9.47 21.92
CA LEU B 240 56.91 -9.30 21.51
C LEU B 240 56.27 -8.25 22.41
N LEU B 241 55.77 -7.17 21.80
CA LEU B 241 55.22 -6.02 22.54
C LEU B 241 53.93 -5.50 21.91
N GLN B 242 53.11 -4.83 22.72
CA GLN B 242 51.94 -4.09 22.23
C GLN B 242 52.39 -2.69 21.80
N ARG B 243 51.96 -2.26 20.60
CA ARG B 243 52.32 -0.93 20.06
C ARG B 243 51.11 -0.21 19.47
N ASN B 244 50.84 1.01 19.92
CA ASN B 244 49.69 1.81 19.46
C ASN B 244 49.99 2.57 18.18
N SER B 245 48.92 2.94 17.48
CA SER B 245 49.00 3.34 16.07
C SER B 245 47.71 4.08 15.68
N GLU B 246 47.85 5.27 15.08
CA GLU B 246 46.67 6.10 14.70
C GLU B 246 46.30 5.89 13.22
N LYS B 247 45.01 5.66 12.94
CA LYS B 247 44.54 5.44 11.57
C LYS B 247 43.24 6.19 11.30
N ILE B 248 43.05 6.59 10.04
CA ILE B 248 41.88 7.36 9.60
C ILE B 248 41.39 6.87 8.23
N SER B 249 40.07 6.72 8.07
CA SER B 249 39.48 6.30 6.78
C SER B 249 39.48 7.44 5.76
N THR B 250 39.21 7.10 4.49
CA THR B 250 38.81 8.11 3.50
C THR B 250 37.34 8.45 3.73
N ASP B 251 36.87 9.50 3.06
CA ASP B 251 35.51 9.99 3.20
C ASP B 251 34.46 8.93 2.85
N LEU B 252 33.55 8.67 3.79
CA LEU B 252 32.38 7.82 3.57
C LEU B 252 31.17 8.72 3.33
N VAL B 253 30.42 8.45 2.26
CA VAL B 253 29.26 9.27 1.90
C VAL B 253 27.94 8.61 2.32
N VAL B 254 27.04 9.42 2.88
CA VAL B 254 25.65 9.03 3.19
C VAL B 254 24.70 9.99 2.45
N ASN B 255 23.66 9.45 1.81
CA ASN B 255 22.65 10.28 1.10
C ASN B 255 21.23 9.76 1.30
N TRP B 256 20.24 10.63 1.02
CA TRP B 256 18.83 10.28 1.21
C TRP B 256 17.90 11.20 0.40
N GLU B 257 16.66 10.74 0.22
CA GLU B 257 15.65 11.43 -0.58
C GLU B 257 14.35 11.50 0.23
N SER B 258 13.83 12.72 0.45
CA SER B 258 12.61 12.92 1.24
C SER B 258 11.52 13.61 0.43
N VAL B 259 10.55 12.83 -0.06
CA VAL B 259 9.44 13.35 -0.87
C VAL B 259 8.09 12.73 -0.54
N GLY B 260 7.02 13.42 -0.95
CA GLY B 260 5.65 12.94 -0.79
C GLY B 260 4.76 13.35 -1.95
N SER B 261 3.45 13.33 -1.72
CA SER B 261 2.45 13.71 -2.73
C SER B 261 1.32 14.57 -2.19
N LEU B 262 0.56 15.17 -3.11
CA LEU B 262 -0.62 15.97 -2.79
C LEU B 262 -1.76 15.58 -3.74
N LYS B 263 -2.91 15.24 -3.18
CA LYS B 263 -4.12 14.90 -3.92
C LYS B 263 -5.25 15.89 -3.61
N ILE B 264 -5.63 16.69 -4.61
CA ILE B 264 -6.72 17.67 -4.47
C ILE B 264 -8.02 17.04 -4.98
N MSE B 265 -9.02 16.92 -4.10
CA MSE B 265 -10.36 16.40 -4.47
C MSE B 265 -11.35 17.55 -4.53
O MSE B 265 -11.52 18.27 -3.52
CB MSE B 265 -10.78 15.34 -3.45
CG MSE B 265 -12.21 14.81 -3.62
SE MSE B 265 -12.50 14.08 -5.43
CE MSE B 265 -14.43 14.40 -5.58
N LYS B 266 -12.02 17.71 -5.68
CA LYS B 266 -12.95 18.84 -5.90
C LYS B 266 -14.41 18.42 -5.89
N LEU B 267 -15.23 19.14 -5.11
CA LEU B 267 -16.65 18.84 -4.93
C LEU B 267 -17.53 20.08 -5.16
N GLY B 268 -18.80 19.82 -5.46
CA GLY B 268 -19.84 20.85 -5.58
C GLY B 268 -20.56 21.06 -4.25
N GLU B 269 -21.75 21.66 -4.30
CA GLU B 269 -22.53 21.94 -3.08
C GLU B 269 -23.09 20.66 -2.46
N LYS B 270 -23.49 19.72 -3.33
CA LYS B 270 -23.72 18.33 -2.96
C LYS B 270 -22.53 17.51 -3.45
N LYS B 271 -22.24 16.40 -2.79
CA LYS B 271 -21.03 15.59 -3.03
C LYS B 271 -20.96 15.02 -4.46
N GLU B 272 -20.39 15.78 -5.37
CA GLU B 272 -20.30 15.43 -6.80
C GLU B 272 -18.94 15.81 -7.37
N VAL B 273 -18.48 15.03 -8.35
CA VAL B 273 -17.16 15.25 -8.98
C VAL B 273 -17.17 16.46 -9.93
N LEU B 274 -16.06 17.20 -9.97
CA LEU B 274 -15.96 18.48 -10.67
C LEU B 274 -14.69 18.60 -11.53
N LYS B 275 -14.86 18.74 -12.84
CA LYS B 275 -13.75 18.86 -13.80
C LYS B 275 -13.49 20.33 -14.16
N GLY B 276 -12.24 20.66 -14.46
CA GLY B 276 -11.88 21.99 -14.97
C GLY B 276 -11.46 23.07 -13.97
N ALA B 277 -11.51 22.78 -12.67
CA ALA B 277 -10.90 23.65 -11.65
C ALA B 277 -9.35 23.66 -11.72
N VAL B 278 -8.76 24.86 -11.83
CA VAL B 278 -7.32 25.04 -11.96
C VAL B 278 -6.77 25.68 -10.68
N PHE B 279 -5.78 25.01 -10.08
CA PHE B 279 -5.16 25.43 -8.82
C PHE B 279 -3.67 25.67 -8.97
N GLU B 280 -3.16 26.68 -8.26
CA GLU B 280 -1.72 26.97 -8.21
C GLU B 280 -1.13 26.39 -6.92
N VAL B 281 -0.38 25.30 -7.05
CA VAL B 281 0.35 24.69 -5.94
C VAL B 281 1.74 25.30 -5.89
N SER B 282 2.11 25.87 -4.73
CA SER B 282 3.35 26.64 -4.62
C SER B 282 3.92 26.69 -3.22
N ASN B 283 5.22 26.99 -3.17
CA ASN B 283 6.00 27.04 -1.95
C ASN B 283 7.26 27.87 -2.33
N GLU B 284 8.18 28.16 -1.42
CA GLU B 284 9.50 28.66 -1.84
C GLU B 284 10.16 27.49 -2.58
N ASN B 285 10.80 27.76 -3.71
CA ASN B 285 11.43 26.72 -4.55
C ASN B 285 10.48 25.90 -5.44
N PHE B 286 9.18 26.23 -5.46
CA PHE B 286 8.21 25.49 -6.31
C PHE B 286 6.97 26.28 -6.69
N LYS B 287 6.56 26.17 -7.96
CA LYS B 287 5.25 26.66 -8.44
C LYS B 287 4.75 25.82 -9.61
N GLN B 288 3.48 25.43 -9.58
CA GLN B 288 2.85 24.70 -10.69
C GLN B 288 1.33 24.80 -10.67
N ASN B 289 0.74 25.00 -11.86
CA ASN B 289 -0.71 25.00 -12.03
C ASN B 289 -1.18 23.60 -12.44
N VAL B 290 -2.12 23.04 -11.67
CA VAL B 290 -2.74 21.75 -12.00
C VAL B 290 -4.24 21.91 -12.25
N THR B 291 -4.76 21.14 -13.21
CA THR B 291 -6.20 21.12 -13.51
C THR B 291 -6.78 19.76 -13.10
N THR B 292 -8.01 19.80 -12.58
CA THR B 292 -8.71 18.61 -12.10
C THR B 292 -9.30 17.78 -13.26
N SER B 293 -9.37 16.47 -13.06
CA SER B 293 -9.65 15.49 -14.11
C SER B 293 -11.12 15.05 -14.16
N ASP B 294 -11.40 13.99 -14.94
CA ASP B 294 -12.73 13.35 -15.02
C ASP B 294 -13.38 13.09 -13.65
N LYS B 295 -12.58 12.61 -12.68
CA LYS B 295 -13.09 12.22 -11.35
C LYS B 295 -12.81 13.26 -10.26
N GLY B 296 -12.62 14.52 -10.65
CA GLY B 296 -12.39 15.61 -9.70
C GLY B 296 -11.03 15.64 -9.01
N ILE B 297 -10.08 14.86 -9.51
CA ILE B 297 -8.77 14.68 -8.85
C ILE B 297 -7.66 15.44 -9.59
N ALA B 298 -6.80 16.09 -8.82
CA ALA B 298 -5.53 16.63 -9.32
C ALA B 298 -4.43 16.09 -8.41
N GLU B 299 -3.33 15.60 -9.01
CA GLU B 299 -2.25 14.96 -8.26
C GLU B 299 -0.87 15.48 -8.62
N LEU B 300 -0.01 15.60 -7.60
CA LEU B 300 1.41 15.88 -7.78
C LEU B 300 2.24 14.90 -6.96
N GLY B 301 3.26 14.32 -7.60
CA GLY B 301 4.20 13.42 -6.93
C GLY B 301 5.58 14.03 -6.77
N ASN B 302 6.45 13.32 -6.05
CA ASN B 302 7.87 13.70 -5.86
C ASN B 302 8.08 15.13 -5.35
N LEU B 303 7.19 15.57 -4.46
CA LEU B 303 7.31 16.91 -3.89
C LEU B 303 8.26 16.86 -2.70
N PRO B 304 9.31 17.72 -2.68
CA PRO B 304 10.12 17.86 -1.46
C PRO B 304 9.24 18.18 -0.24
N ILE B 305 9.49 17.51 0.87
CA ILE B 305 8.67 17.65 2.08
C ILE B 305 8.62 19.10 2.59
N GLY B 306 7.46 19.50 3.12
CA GLY B 306 7.26 20.84 3.65
C GLY B 306 5.87 21.39 3.42
N ILE B 307 5.71 22.68 3.71
CA ILE B 307 4.42 23.37 3.63
C ILE B 307 4.18 23.86 2.20
N TYR B 308 3.00 23.56 1.64
CA TYR B 308 2.60 24.08 0.33
C TYR B 308 1.31 24.90 0.41
N SER B 309 1.25 25.97 -0.39
CA SER B 309 0.06 26.81 -0.52
C SER B 309 -0.74 26.37 -1.73
N VAL B 310 -2.07 26.35 -1.61
CA VAL B 310 -2.98 25.97 -2.69
C VAL B 310 -4.04 27.06 -2.87
N LYS B 311 -4.22 27.50 -4.12
CA LYS B 311 -5.04 28.65 -4.48
C LYS B 311 -5.72 28.36 -5.81
N GLU B 312 -7.06 28.50 -5.84
CA GLU B 312 -7.82 28.37 -7.08
C GLU B 312 -7.57 29.61 -7.96
N ILE B 313 -7.18 29.41 -9.22
CA ILE B 313 -6.98 30.50 -10.18
C ILE B 313 -8.12 30.63 -11.19
N GLN B 314 -8.71 29.51 -11.61
CA GLN B 314 -9.80 29.49 -12.58
C GLN B 314 -10.85 28.46 -12.17
N ALA B 315 -12.09 28.92 -12.01
CA ALA B 315 -13.18 28.04 -11.55
C ALA B 315 -13.68 27.15 -12.70
N PRO B 316 -14.44 26.08 -12.35
CA PRO B 316 -15.10 25.28 -13.39
C PRO B 316 -16.26 25.97 -14.10
N ALA B 317 -16.86 25.28 -15.06
CA ALA B 317 -18.02 25.79 -15.78
C ALA B 317 -19.20 25.92 -14.84
N GLY B 318 -19.68 27.16 -14.66
CA GLY B 318 -20.83 27.45 -13.80
C GLY B 318 -20.61 27.35 -12.30
N TYR B 319 -19.38 27.64 -11.83
CA TYR B 319 -19.05 27.59 -10.40
C TYR B 319 -18.29 28.85 -9.95
N VAL B 320 -18.43 29.19 -8.67
CA VAL B 320 -17.87 30.42 -8.11
C VAL B 320 -16.37 30.27 -7.80
N LEU B 321 -15.62 31.30 -8.17
CA LEU B 321 -14.18 31.36 -7.91
C LEU B 321 -13.92 31.75 -6.45
N ASP B 322 -13.07 30.98 -5.77
CA ASP B 322 -12.68 31.24 -4.39
C ASP B 322 -11.15 31.33 -4.35
N ARG B 323 -10.64 32.55 -4.19
CA ARG B 323 -9.19 32.80 -4.21
C ARG B 323 -8.50 32.64 -2.83
N SER B 324 -9.25 32.26 -1.80
CA SER B 324 -8.69 32.06 -0.46
C SER B 324 -7.62 30.97 -0.46
N VAL B 325 -6.50 31.23 0.23
CA VAL B 325 -5.31 30.37 0.20
C VAL B 325 -5.47 29.22 1.20
N LYS B 326 -5.06 28.02 0.78
CA LYS B 326 -5.11 26.82 1.63
C LYS B 326 -3.68 26.33 1.91
N LYS B 327 -3.42 25.88 3.14
CA LYS B 327 -2.08 25.43 3.54
C LYS B 327 -2.10 23.93 3.89
N ILE B 328 -1.14 23.17 3.36
CA ILE B 328 -1.04 21.74 3.62
C ILE B 328 0.42 21.23 3.69
N GLU B 329 0.68 20.28 4.59
CA GLU B 329 2.02 19.71 4.78
C GLU B 329 2.16 18.41 4.01
N VAL B 330 3.18 18.33 3.18
CA VAL B 330 3.58 17.09 2.52
C VAL B 330 4.65 16.43 3.40
N LYS B 331 4.41 15.19 3.79
CA LYS B 331 5.29 14.43 4.69
C LYS B 331 5.90 13.23 3.97
N THR B 332 7.06 12.78 4.47
CA THR B 332 7.84 11.71 3.83
C THR B 332 7.03 10.42 3.65
N GLY B 333 6.90 9.98 2.41
CA GLY B 333 6.20 8.75 2.06
C GLY B 333 4.69 8.83 1.89
N GLU B 334 4.07 9.95 2.28
CA GLU B 334 2.61 10.02 2.42
C GLU B 334 1.97 10.96 1.39
N THR B 335 0.72 10.66 1.04
CA THR B 335 -0.08 11.53 0.18
C THR B 335 -1.03 12.32 1.08
N ALA B 336 -0.78 13.62 1.19
CA ALA B 336 -1.68 14.54 1.88
C ALA B 336 -2.89 14.81 0.98
N VAL B 337 -4.10 14.68 1.52
CA VAL B 337 -5.33 14.91 0.75
C VAL B 337 -5.98 16.23 1.16
N LEU B 338 -6.38 17.02 0.16
CA LEU B 338 -7.07 18.30 0.35
C LEU B 338 -8.43 18.22 -0.35
N GLU B 339 -9.51 18.07 0.43
CA GLU B 339 -10.86 18.00 -0.13
C GLU B 339 -11.52 19.38 -0.10
N LEU B 340 -11.95 19.88 -1.26
CA LEU B 340 -12.52 21.22 -1.38
C LEU B 340 -13.93 21.23 -2.00
N LYS B 341 -14.85 21.94 -1.35
CA LYS B 341 -16.21 22.19 -1.88
C LYS B 341 -16.24 23.47 -2.74
N ASN B 342 -17.20 23.53 -3.67
CA ASN B 342 -17.38 24.69 -4.56
C ASN B 342 -18.86 25.09 -4.68
N GLU B 343 -19.11 26.40 -4.68
CA GLU B 343 -20.46 26.96 -4.67
C GLU B 343 -20.99 27.19 -6.10
N ASN B 344 -22.26 26.83 -6.34
CA ASN B 344 -22.91 27.02 -7.63
C ASN B 344 -23.17 28.49 -7.89
N VAL B 345 -23.01 28.88 -9.15
CA VAL B 345 -23.38 30.21 -9.63
C VAL B 345 -24.91 30.34 -9.57
N LYS B 346 -25.36 31.38 -8.88
CA LYS B 346 -26.79 31.59 -8.61
C LYS B 346 -27.17 33.03 -8.92
N GLY B 347 -28.37 33.21 -9.47
CA GLY B 347 -28.88 34.54 -9.84
C GLY B 347 -30.38 34.66 -9.66
N GLU B 348 -31.00 35.56 -10.42
CA GLU B 348 -32.42 35.88 -10.25
C GLU B 348 -33.07 36.44 -11.52
N LEU B 349 -34.33 36.06 -11.74
CA LEU B 349 -35.20 36.65 -12.76
C LEU B 349 -36.24 37.54 -12.07
N GLU B 350 -36.38 38.77 -12.57
CA GLU B 350 -37.37 39.72 -12.05
C GLU B 350 -38.31 40.15 -13.18
N ILE B 351 -39.53 39.59 -13.18
CA ILE B 351 -40.56 39.94 -14.15
C ILE B 351 -41.49 41.01 -13.57
N THR B 352 -41.69 42.09 -14.34
CA THR B 352 -42.64 43.15 -14.01
C THR B 352 -43.78 43.09 -15.05
N LYS B 353 -45.02 43.02 -14.57
CA LYS B 353 -46.19 42.88 -15.45
C LYS B 353 -46.95 44.20 -15.60
N VAL B 354 -47.11 44.66 -16.85
CA VAL B 354 -47.81 45.95 -17.11
C VAL B 354 -48.85 45.87 -18.24
N ASP B 355 -49.65 46.93 -18.32
CA ASP B 355 -50.63 47.13 -19.41
C ASP B 355 -49.90 47.62 -20.66
N VAL B 356 -50.18 47.02 -21.81
CA VAL B 356 -49.58 47.44 -23.10
C VAL B 356 -49.85 48.92 -23.45
N ALA B 357 -51.05 49.40 -23.12
CA ALA B 357 -51.43 50.80 -23.37
C ALA B 357 -50.70 51.79 -22.44
N ASP B 358 -50.57 51.44 -21.15
CA ASP B 358 -49.88 52.27 -20.14
C ASP B 358 -48.80 51.49 -19.40
N GLY B 359 -47.53 51.79 -19.68
CA GLY B 359 -46.40 51.14 -19.01
C GLY B 359 -46.30 51.33 -17.50
N ASN B 360 -46.93 52.39 -16.98
CA ASN B 360 -46.92 52.69 -15.54
C ASN B 360 -47.99 51.95 -14.71
N THR B 361 -48.94 51.31 -15.36
CA THR B 361 -49.97 50.49 -14.67
C THR B 361 -49.44 49.07 -14.39
N LYS B 362 -49.20 48.74 -13.11
CA LYS B 362 -48.65 47.43 -12.69
C LYS B 362 -49.78 46.44 -12.39
N LEU B 363 -49.63 45.19 -12.85
CA LEU B 363 -50.72 44.19 -12.75
C LEU B 363 -50.40 43.00 -11.84
N PRO B 364 -51.18 42.83 -10.75
CA PRO B 364 -50.94 41.74 -9.80
C PRO B 364 -51.62 40.43 -10.20
N ASN B 365 -51.18 39.35 -9.57
CA ASN B 365 -51.77 38.00 -9.70
C ASN B 365 -51.69 37.37 -11.11
N ALA B 366 -50.70 37.77 -11.91
CA ALA B 366 -50.41 37.13 -13.18
C ALA B 366 -49.35 36.03 -12.95
N GLU B 367 -49.66 34.80 -13.34
CA GLU B 367 -48.78 33.66 -13.10
C GLU B 367 -47.80 33.42 -14.25
N PHE B 368 -46.54 33.18 -13.91
CA PHE B 368 -45.51 32.80 -14.86
C PHE B 368 -44.91 31.46 -14.46
N THR B 369 -44.76 30.59 -15.45
CA THR B 369 -44.10 29.29 -15.30
C THR B 369 -42.76 29.34 -16.00
N ILE B 370 -41.75 28.68 -15.41
CA ILE B 370 -40.38 28.69 -15.92
C ILE B 370 -39.95 27.27 -16.30
N TYR B 371 -39.28 27.14 -17.45
CA TYR B 371 -38.86 25.85 -18.00
C TYR B 371 -37.34 25.83 -18.22
N ASN B 372 -36.71 24.67 -18.05
CA ASN B 372 -35.25 24.50 -18.27
C ASN B 372 -34.94 24.17 -19.74
N GLU B 373 -33.67 23.93 -20.06
CA GLU B 373 -33.23 23.61 -21.43
C GLU B 373 -33.98 22.45 -22.08
N GLN B 374 -34.18 21.35 -21.33
CA GLN B 374 -34.93 20.20 -21.87
C GLN B 374 -36.45 20.42 -21.92
N GLY B 375 -36.94 21.43 -21.20
CA GLY B 375 -38.35 21.84 -21.25
C GLY B 375 -39.20 21.41 -20.06
N LYS B 376 -38.59 20.84 -19.02
CA LYS B 376 -39.31 20.46 -17.80
C LYS B 376 -39.72 21.73 -17.01
N GLU B 377 -40.90 21.69 -16.41
CA GLU B 377 -41.35 22.76 -15.51
C GLU B 377 -40.47 22.77 -14.26
N VAL B 378 -39.87 23.93 -13.97
CA VAL B 378 -38.99 24.13 -12.81
C VAL B 378 -39.73 24.80 -11.64
N VAL B 379 -40.48 25.87 -11.92
CA VAL B 379 -41.14 26.66 -10.86
C VAL B 379 -42.25 27.57 -11.43
N LYS B 380 -43.27 27.83 -10.61
CA LYS B 380 -44.34 28.79 -10.91
C LYS B 380 -44.32 29.92 -9.90
N GLY B 381 -45.03 31.01 -10.22
CA GLY B 381 -45.11 32.15 -9.30
C GLY B 381 -46.00 33.23 -9.86
N LYS B 382 -46.67 33.96 -8.96
CA LYS B 382 -47.57 35.06 -9.33
C LYS B 382 -46.98 36.41 -8.99
N THR B 383 -47.42 37.43 -9.74
CA THR B 383 -46.96 38.81 -9.55
C THR B 383 -47.55 39.39 -8.26
N ASP B 384 -46.76 40.18 -7.55
CA ASP B 384 -47.18 40.77 -6.26
C ASP B 384 -48.05 42.02 -6.46
N GLU B 385 -48.35 42.74 -5.36
CA GLU B 385 -49.15 43.97 -5.41
C GLU B 385 -48.58 45.09 -6.31
N LYS B 386 -47.27 45.11 -6.55
CA LYS B 386 -46.65 46.03 -7.51
C LYS B 386 -46.30 45.40 -8.89
N GLY B 387 -46.94 44.27 -9.21
CA GLY B 387 -46.72 43.61 -10.49
C GLY B 387 -45.39 42.90 -10.70
N VAL B 388 -44.66 42.65 -9.61
CA VAL B 388 -43.32 42.03 -9.65
C VAL B 388 -43.40 40.56 -9.26
N ALA B 389 -42.71 39.70 -10.01
CA ALA B 389 -42.54 38.29 -9.64
C ALA B 389 -41.06 37.96 -9.66
N LYS B 390 -40.54 37.46 -8.52
CA LYS B 390 -39.09 37.20 -8.35
C LYS B 390 -38.80 35.69 -8.25
N PHE B 391 -37.76 35.26 -8.96
CA PHE B 391 -37.38 33.84 -9.07
C PHE B 391 -35.86 33.63 -8.92
N LYS B 392 -35.42 33.07 -7.80
CA LYS B 392 -34.00 32.73 -7.59
C LYS B 392 -33.65 31.42 -8.27
N LEU B 393 -32.71 31.44 -9.22
CA LEU B 393 -32.41 30.26 -10.06
C LEU B 393 -30.90 30.00 -10.22
N PRO B 394 -30.51 28.71 -10.38
CA PRO B 394 -29.11 28.37 -10.63
C PRO B 394 -28.67 28.58 -12.08
N TYR B 395 -27.39 28.32 -12.34
CA TYR B 395 -26.74 28.46 -13.64
C TYR B 395 -27.45 27.67 -14.72
N GLY B 396 -27.50 28.22 -15.94
CA GLY B 396 -28.14 27.58 -17.10
C GLY B 396 -29.10 28.45 -17.89
N LYS B 397 -29.55 27.91 -19.02
CA LYS B 397 -30.51 28.59 -19.91
C LYS B 397 -31.94 28.10 -19.68
N TYR B 398 -32.90 29.03 -19.75
CA TYR B 398 -34.31 28.76 -19.44
C TYR B 398 -35.26 29.43 -20.44
N THR B 399 -36.56 29.12 -20.32
CA THR B 399 -37.63 29.91 -20.94
C THR B 399 -38.79 30.11 -19.96
N TYR B 400 -39.66 31.09 -20.24
CA TYR B 400 -40.88 31.30 -19.44
C TYR B 400 -42.09 31.80 -20.26
N LYS B 401 -43.30 31.50 -19.76
CA LYS B 401 -44.59 31.84 -20.39
C LYS B 401 -45.59 32.31 -19.35
N GLU B 402 -46.51 33.18 -19.74
CA GLU B 402 -47.65 33.53 -18.91
C GLU B 402 -48.65 32.36 -18.97
N THR B 403 -48.98 31.80 -17.80
CA THR B 403 -49.89 30.66 -17.69
C THR B 403 -51.23 30.96 -17.00
N ILE B 404 -51.32 32.06 -16.24
CA ILE B 404 -52.61 32.64 -15.82
C ILE B 404 -52.55 34.15 -16.05
N ALA B 405 -53.53 34.67 -16.80
CA ALA B 405 -53.58 36.08 -17.12
C ALA B 405 -54.08 36.84 -15.90
N PRO B 406 -53.64 38.09 -15.72
CA PRO B 406 -54.22 38.89 -14.63
C PRO B 406 -55.69 39.22 -14.90
N ASN B 407 -56.46 39.44 -13.84
CA ASN B 407 -57.90 39.67 -13.93
C ASN B 407 -58.29 40.79 -14.92
N GLY B 408 -59.07 40.45 -15.94
CA GLY B 408 -59.55 41.40 -16.95
C GLY B 408 -58.66 41.61 -18.18
N TYR B 409 -57.68 40.72 -18.41
CA TYR B 409 -56.74 40.85 -19.53
C TYR B 409 -56.72 39.61 -20.43
N VAL B 410 -56.32 39.82 -21.69
CA VAL B 410 -56.10 38.71 -22.63
C VAL B 410 -54.72 38.12 -22.33
N ILE B 411 -54.63 36.79 -22.31
CA ILE B 411 -53.37 36.11 -21.97
C ILE B 411 -52.31 36.39 -23.02
N ASN B 412 -51.07 36.58 -22.58
CA ASN B 412 -49.92 36.80 -23.46
C ASN B 412 -49.40 35.43 -23.87
N GLU B 413 -49.37 35.18 -25.18
CA GLU B 413 -49.05 33.84 -25.72
C GLU B 413 -47.56 33.62 -26.03
N GLU B 414 -46.72 34.65 -25.93
CA GLU B 414 -45.31 34.52 -26.33
C GLU B 414 -44.45 33.77 -25.30
N THR B 415 -43.40 33.11 -25.79
CA THR B 415 -42.37 32.47 -24.96
C THR B 415 -41.11 33.32 -24.92
N PHE B 416 -40.69 33.69 -23.71
CA PHE B 416 -39.47 34.48 -23.50
C PHE B 416 -38.31 33.57 -23.09
N ALA B 417 -37.08 34.05 -23.26
CA ALA B 417 -35.86 33.31 -22.92
C ALA B 417 -34.88 34.15 -22.12
N PHE B 418 -34.04 33.47 -21.33
CA PHE B 418 -32.96 34.12 -20.57
C PHE B 418 -31.92 33.10 -20.11
N GLU B 419 -30.77 33.57 -19.63
CA GLU B 419 -29.70 32.71 -19.10
C GLU B 419 -29.04 33.30 -17.86
N ILE B 420 -28.88 32.49 -16.81
CA ILE B 420 -28.07 32.84 -15.64
C ILE B 420 -26.60 32.54 -15.96
N LYS B 421 -25.83 33.59 -16.29
CA LYS B 421 -24.39 33.47 -16.59
C LYS B 421 -23.52 33.74 -15.37
N GLU B 422 -23.68 34.93 -14.79
CA GLU B 422 -22.80 35.45 -13.74
C GLU B 422 -23.44 35.36 -12.36
N ASN B 423 -22.63 35.15 -11.32
CA ASN B 423 -23.13 34.97 -9.94
C ASN B 423 -23.66 36.28 -9.36
N GLY B 424 -24.85 36.22 -8.77
CA GLY B 424 -25.51 37.41 -8.23
C GLY B 424 -26.21 38.28 -9.27
N GLU B 425 -26.25 37.83 -10.53
CA GLU B 425 -26.84 38.59 -11.64
C GLU B 425 -28.36 38.63 -11.50
N ILE B 426 -28.95 39.81 -11.74
CA ILE B 426 -30.41 39.97 -11.75
C ILE B 426 -30.85 40.41 -13.16
N ILE B 427 -31.66 39.57 -13.79
CA ILE B 427 -32.17 39.85 -15.14
C ILE B 427 -33.57 40.43 -14.99
N LYS B 428 -33.75 41.67 -15.48
CA LYS B 428 -35.02 42.39 -15.36
C LYS B 428 -35.72 42.43 -16.71
N HIS B 429 -36.96 41.93 -16.76
CA HIS B 429 -37.77 41.85 -17.98
C HIS B 429 -39.11 42.55 -17.75
N ILE B 430 -39.70 43.07 -18.82
CA ILE B 430 -41.05 43.67 -18.78
C ILE B 430 -41.95 42.92 -19.76
N VAL B 431 -43.10 42.45 -19.27
CA VAL B 431 -44.09 41.75 -20.10
C VAL B 431 -45.38 42.58 -20.21
N GLN B 432 -45.87 42.75 -21.43
CA GLN B 432 -47.05 43.57 -21.69
C GLN B 432 -48.32 42.74 -21.86
N ASP B 433 -49.47 43.34 -21.56
CA ASP B 433 -50.78 42.66 -21.57
C ASP B 433 -51.91 43.53 -22.13
N LYS B 434 -52.75 42.94 -22.99
CA LYS B 434 -53.86 43.63 -23.64
C LYS B 434 -55.13 43.55 -22.79
N LYS B 435 -55.72 44.71 -22.50
CA LYS B 435 -56.89 44.81 -21.63
C LYS B 435 -58.17 44.42 -22.39
N VAL B 436 -59.11 43.79 -21.70
CA VAL B 436 -60.38 43.42 -22.28
C VAL B 436 -61.26 44.67 -22.42
N GLU B 437 -61.52 45.05 -23.67
CA GLU B 437 -62.40 46.19 -24.01
C GLU B 437 -63.53 45.73 -24.93
N GLY B 438 -64.69 46.36 -24.79
CA GLY B 438 -65.90 46.01 -25.57
C GLY B 438 -66.80 47.19 -25.87
N GLU B 439 -67.85 46.94 -26.65
CA GLU B 439 -68.75 48.00 -27.13
C GLU B 439 -70.22 47.73 -26.81
N LEU B 440 -70.95 48.79 -26.41
CA LEU B 440 -72.40 48.76 -26.27
C LEU B 440 -73.05 49.55 -27.41
N GLU B 441 -74.03 48.94 -28.08
CA GLU B 441 -74.71 49.53 -29.23
C GLU B 441 -76.22 49.46 -29.03
N ILE B 442 -76.82 50.58 -28.63
CA ILE B 442 -78.26 50.66 -28.35
C ILE B 442 -79.00 51.19 -29.57
N THR B 443 -79.81 50.33 -30.22
CA THR B 443 -80.68 50.74 -31.32
C THR B 443 -82.03 51.15 -30.73
N LYS B 444 -82.39 52.43 -30.89
CA LYS B 444 -83.61 53.02 -30.33
C LYS B 444 -84.70 53.11 -31.41
N VAL B 445 -85.77 52.34 -31.22
CA VAL B 445 -86.85 52.22 -32.19
C VAL B 445 -88.17 52.59 -31.48
N ASP B 446 -89.15 53.02 -32.27
CA ASP B 446 -90.50 53.28 -31.72
C ASP B 446 -91.20 51.95 -31.45
N VAL B 447 -91.99 51.92 -30.39
CA VAL B 447 -92.70 50.69 -29.96
C VAL B 447 -93.80 50.27 -30.96
N ALA B 448 -94.42 51.25 -31.64
CA ALA B 448 -95.36 50.97 -32.72
C ALA B 448 -94.61 50.53 -33.97
N ASP B 449 -93.82 51.44 -34.54
CA ASP B 449 -93.17 51.23 -35.84
C ASP B 449 -91.74 50.68 -35.68
N GLY B 450 -91.56 49.44 -36.10
CA GLY B 450 -90.27 48.74 -36.00
C GLY B 450 -89.12 49.29 -36.83
N ASN B 451 -89.41 50.10 -37.86
CA ASN B 451 -88.36 50.83 -38.59
C ASN B 451 -87.88 52.03 -37.78
N LEU B 454 -85.71 58.35 -34.94
CA LEU B 454 -85.73 59.33 -33.86
C LEU B 454 -84.34 59.52 -33.26
N PRO B 455 -83.61 60.58 -33.69
CA PRO B 455 -82.38 61.03 -33.01
C PRO B 455 -82.64 61.68 -31.64
N ASN B 456 -81.55 62.13 -31.00
CA ASN B 456 -81.59 62.95 -29.77
C ASN B 456 -82.03 62.25 -28.46
N ALA B 457 -82.28 60.94 -28.50
CA ALA B 457 -82.49 60.14 -27.28
C ALA B 457 -81.16 59.87 -26.58
N GLU B 458 -80.98 60.44 -25.39
CA GLU B 458 -79.72 60.32 -24.64
C GLU B 458 -79.80 59.16 -23.66
N PHE B 459 -78.78 58.31 -23.68
CA PHE B 459 -78.58 57.26 -22.68
C PHE B 459 -77.36 57.61 -21.81
N THR B 460 -77.36 57.08 -20.59
CA THR B 460 -76.29 57.34 -19.61
C THR B 460 -75.89 56.01 -18.97
N ILE B 461 -74.58 55.79 -18.83
CA ILE B 461 -74.03 54.50 -18.44
C ILE B 461 -73.28 54.64 -17.11
N TYR B 462 -73.61 53.77 -16.15
CA TYR B 462 -73.03 53.78 -14.80
C TYR B 462 -72.26 52.49 -14.54
N ASN B 463 -71.35 52.53 -13.57
CA ASN B 463 -70.49 51.40 -13.22
C ASN B 463 -71.21 50.49 -12.19
N GLU B 464 -70.51 49.45 -11.73
CA GLU B 464 -70.96 48.61 -10.62
C GLU B 464 -71.15 49.40 -9.31
N GLN B 465 -70.30 50.40 -9.10
CA GLN B 465 -70.36 51.25 -7.92
C GLN B 465 -71.44 52.33 -8.05
N GLY B 466 -71.76 52.71 -9.29
CA GLY B 466 -72.85 53.65 -9.59
C GLY B 466 -72.45 54.98 -10.21
N LYS B 467 -71.14 55.21 -10.37
CA LYS B 467 -70.62 56.49 -10.88
C LYS B 467 -70.79 56.58 -12.39
N GLU B 468 -71.09 57.79 -12.89
CA GLU B 468 -71.23 58.03 -14.33
C GLU B 468 -69.92 57.75 -15.08
N VAL B 469 -70.03 57.25 -16.30
CA VAL B 469 -68.87 57.00 -17.16
C VAL B 469 -68.96 57.79 -18.46
N VAL B 470 -70.05 57.59 -19.20
CA VAL B 470 -70.24 58.26 -20.50
C VAL B 470 -71.71 58.67 -20.70
N LYS B 471 -71.93 59.76 -21.45
CA LYS B 471 -73.25 60.11 -21.98
C LYS B 471 -73.19 60.08 -23.51
N GLY B 472 -74.33 59.89 -24.15
CA GLY B 472 -74.40 59.88 -25.62
C GLY B 472 -75.82 59.89 -26.16
N LYS B 473 -76.10 60.82 -27.08
CA LYS B 473 -77.39 60.86 -27.76
C LYS B 473 -77.40 59.85 -28.90
N THR B 474 -78.59 59.47 -29.34
CA THR B 474 -78.71 58.53 -30.45
C THR B 474 -78.49 59.28 -31.76
N ASN B 475 -77.71 58.67 -32.64
CA ASN B 475 -77.51 59.20 -34.00
C ASN B 475 -78.80 59.09 -34.88
N GLU B 476 -78.65 59.21 -36.20
CA GLU B 476 -79.72 58.82 -37.12
C GLU B 476 -79.78 57.30 -37.14
N GLN B 477 -80.96 56.78 -37.49
CA GLN B 477 -81.23 55.34 -37.49
C GLN B 477 -81.21 54.73 -36.07
N GLY B 478 -81.35 55.58 -35.05
CA GLY B 478 -81.49 55.14 -33.67
C GLY B 478 -80.29 54.54 -32.95
N ILE B 479 -79.08 54.61 -33.53
CA ILE B 479 -77.89 53.95 -32.96
C ILE B 479 -77.05 54.90 -32.09
N ALA B 480 -76.60 54.41 -30.94
CA ALA B 480 -75.63 55.11 -30.08
C ALA B 480 -74.54 54.12 -29.61
N LYS B 481 -73.28 54.36 -30.03
CA LYS B 481 -72.16 53.47 -29.71
C LYS B 481 -71.36 53.95 -28.49
N PHE B 482 -70.88 53.00 -27.68
CA PHE B 482 -70.10 53.30 -26.46
C PHE B 482 -69.02 52.23 -26.21
N LYS B 483 -67.75 52.63 -26.26
CA LYS B 483 -66.63 51.71 -26.01
C LYS B 483 -66.23 51.76 -24.53
N LEU B 484 -66.25 50.61 -23.85
CA LEU B 484 -65.93 50.52 -22.43
C LEU B 484 -65.00 49.34 -22.08
N PRO B 485 -64.26 49.44 -20.96
CA PRO B 485 -63.43 48.33 -20.50
C PRO B 485 -64.23 47.22 -19.80
N TYR B 486 -63.55 46.12 -19.44
CA TYR B 486 -64.17 44.99 -18.74
C TYR B 486 -64.90 45.39 -17.47
N GLY B 487 -66.01 44.72 -17.18
CA GLY B 487 -66.79 44.94 -15.95
C GLY B 487 -68.29 44.87 -16.11
N LYS B 488 -68.99 44.98 -14.97
CA LYS B 488 -70.46 45.00 -14.92
C LYS B 488 -70.94 46.44 -14.85
N TYR B 489 -71.99 46.73 -15.63
CA TYR B 489 -72.53 48.10 -15.74
C TYR B 489 -74.06 48.09 -15.66
N THR B 490 -74.63 49.29 -15.54
CA THR B 490 -76.07 49.51 -15.67
C THR B 490 -76.30 50.76 -16.52
N TYR B 491 -77.50 50.88 -17.10
CA TYR B 491 -77.83 52.06 -17.93
C TYR B 491 -79.32 52.40 -17.95
N LYS B 492 -79.59 53.66 -18.32
CA LYS B 492 -80.94 54.23 -18.31
C LYS B 492 -81.06 55.35 -19.37
N GLU B 493 -82.28 55.57 -19.86
CA GLU B 493 -82.58 56.71 -20.73
C GLU B 493 -82.68 57.99 -19.89
N THR B 494 -82.00 59.05 -20.33
CA THR B 494 -82.05 60.37 -19.67
C THR B 494 -83.05 61.28 -20.39
N ILE B 495 -82.79 61.53 -21.68
CA ILE B 495 -83.60 62.45 -22.50
C ILE B 495 -84.43 61.64 -23.49
N ALA B 496 -85.68 62.05 -23.72
CA ALA B 496 -86.57 61.39 -24.66
C ALA B 496 -86.29 61.85 -26.10
N GLY B 499 -90.45 64.12 -28.85
CA GLY B 499 -91.87 64.06 -28.50
C GLY B 499 -92.30 62.67 -28.08
N TYR B 500 -91.57 62.10 -27.12
CA TYR B 500 -91.86 60.78 -26.56
C TYR B 500 -91.76 60.80 -25.03
N VAL B 501 -92.38 59.83 -24.37
CA VAL B 501 -92.23 59.64 -22.91
C VAL B 501 -90.95 58.84 -22.64
N ILE B 502 -90.31 59.14 -21.51
CA ILE B 502 -89.03 58.51 -21.16
C ILE B 502 -89.26 57.08 -20.63
N ASN B 503 -88.58 56.11 -21.24
CA ASN B 503 -88.55 54.74 -20.73
C ASN B 503 -87.55 54.71 -19.57
N GLU B 504 -88.06 54.56 -18.35
CA GLU B 504 -87.23 54.66 -17.13
C GLU B 504 -86.84 53.30 -16.51
N GLU B 505 -86.81 52.26 -17.35
CA GLU B 505 -86.33 50.94 -16.91
C GLU B 505 -84.81 51.01 -16.70
N LYS B 506 -84.33 50.26 -15.70
CA LYS B 506 -82.91 50.22 -15.35
C LYS B 506 -82.28 48.94 -15.90
N PHE B 507 -81.76 49.03 -17.12
CA PHE B 507 -81.14 47.89 -17.81
C PHE B 507 -79.75 47.59 -17.25
N GLY B 508 -79.23 46.39 -17.58
CA GLY B 508 -77.91 45.94 -17.11
C GLY B 508 -77.17 45.10 -18.15
N PHE B 509 -75.85 45.13 -18.11
CA PHE B 509 -75.01 44.38 -19.05
C PHE B 509 -73.59 44.23 -18.53
N GLU B 510 -72.84 43.30 -19.11
CA GLU B 510 -71.49 42.96 -18.66
C GLU B 510 -70.52 42.78 -19.85
N ILE B 511 -69.40 43.50 -19.81
CA ILE B 511 -68.34 43.36 -20.82
C ILE B 511 -67.29 42.36 -20.29
N LYS B 512 -67.20 41.20 -20.94
CA LYS B 512 -66.32 40.10 -20.48
C LYS B 512 -65.44 39.42 -21.54
N GLU B 513 -65.44 39.95 -22.78
CA GLU B 513 -64.65 39.38 -23.89
C GLU B 513 -64.16 40.53 -24.80
N ASN B 514 -62.90 40.50 -25.21
CA ASN B 514 -62.33 41.58 -26.00
C ASN B 514 -62.92 41.63 -27.41
N GLY B 515 -63.21 42.83 -27.90
CA GLY B 515 -63.82 43.03 -29.21
C GLY B 515 -65.30 42.68 -29.31
N GLU B 516 -65.95 42.57 -28.16
CA GLU B 516 -67.35 42.13 -28.05
C GLU B 516 -68.26 43.32 -28.31
N ILE B 517 -69.35 43.08 -29.04
CA ILE B 517 -70.37 44.10 -29.32
C ILE B 517 -71.70 43.64 -28.74
N ILE B 518 -72.19 44.34 -27.71
CA ILE B 518 -73.46 44.02 -27.06
C ILE B 518 -74.55 44.91 -27.68
N LYS B 519 -75.45 44.29 -28.45
CA LYS B 519 -76.53 45.01 -29.14
C LYS B 519 -77.84 44.91 -28.36
N HIS B 520 -78.30 46.05 -27.82
CA HIS B 520 -79.58 46.13 -27.09
C HIS B 520 -80.61 46.91 -27.90
N ILE B 521 -81.89 46.63 -27.68
CA ILE B 521 -83.01 47.41 -28.26
C ILE B 521 -83.89 47.93 -27.11
N VAL B 522 -83.94 49.27 -26.98
CA VAL B 522 -84.88 49.93 -26.07
C VAL B 522 -85.98 50.55 -26.93
N LYS B 523 -87.20 50.64 -26.40
CA LYS B 523 -88.34 51.20 -27.14
C LYS B 523 -89.05 52.30 -26.37
N ASN B 524 -89.47 53.33 -27.10
CA ASN B 524 -90.14 54.50 -26.52
C ASN B 524 -91.64 54.49 -26.83
N LYS B 525 -92.38 55.30 -26.07
CA LYS B 525 -93.84 55.38 -26.16
C LYS B 525 -94.28 56.83 -26.12
ZN ZN C . -60.72 36.44 -26.43
ZN ZN D . -48.65 20.85 -18.19
ZN ZN E . -22.36 -0.28 -24.24
ZN ZN F . 45.24 -20.52 19.36
ZN ZN G . 48.26 -20.67 16.40
ZN ZN H . -47.85 22.14 -13.91
ZN ZN I . 62.41 -36.68 17.23
#